data_3T6J
#
_entry.id   3T6J
#
_cell.length_a   120.013
_cell.length_b   107.274
_cell.length_c   65.478
_cell.angle_alpha   90.00
_cell.angle_beta   93.67
_cell.angle_gamma   90.00
#
_symmetry.space_group_name_H-M   'C 1 2 1'
#
loop_
_entity.id
_entity.type
_entity.pdbx_description
1 polymer 'Dipeptidyl peptidase 3'
2 polymer Tynorphin
3 water water
#
loop_
_entity_poly.entity_id
_entity_poly.type
_entity_poly.pdbx_seq_one_letter_code
_entity_poly.pdbx_strand_id
1 'polypeptide(L)'
;MADTQYILPNDIGVSSLDCREAFRLLSPTERLYAYHLSRAAWYGGLAVLLQTSPEAPYIYALLSRLFRAQDPDQLRQHAL
AEGLTEEEYQAFLVYAAGVYSNMGNYKSFGDTKFVPNLPKEKLERVILGSEAAQQHPEEVRGLWQTCGELMFSLEPRLRH
LGLGKEGITTYFSGNCTMEDAKLAQDFLDSQNLSAYNTRLFKEVDGEGKPYYEVRLASVLGSEPSLDSEVTSKLKSYEFR
GSPFQVTRGDYAPILQKVVEQLEKAKAYAANSHQGQMLAQYIESFTQGSIEAHKRGSRFWIQDKGPIVESYIGFIESYRD
PFGSRGEFEGFVAVVNKAMSAKFERLVASAEQLLKELPWPPTFEKDKFLTPDFTSLDVLTFAGSGIPAGINIPNYDDLRQ
TEGFKNVSLGNVLAVAYATQREKLTFLEEDDKDLYILWKGPSFDVQVGLHALLGHGSGKLFVQDEKGAFNFDQETVINPE
TGEQIQSWYRSGETWDSKFSTIASSYEECRAESVGLYLCLHPQVLEIFGFEGADAEDVIYVNWLNMVRAGLLALEFYTPE
AFNWRQAHMQARFVILRVLLEAGEGLVTITPTTGSDGRPDARVRLDRSKIRSVGKPALERFLRRLQVLKSTGDVAGGRAL
YEGYATVTDAPPECFLTLRDTVLLRKESRKLIVQPNTRLEGSDVQLLEYEASAAGLIRSFSERFPEDGPELEEILTQLAT
ADARFW
;
A
2 'polypeptide(L)' VVYPW B
#
# COMPACT_ATOMS: atom_id res chain seq x y z
N ALA A 2 -6.31 2.31 24.12
CA ALA A 2 -6.69 2.85 22.82
C ALA A 2 -6.64 4.37 22.76
N ASP A 3 -6.25 4.98 23.88
CA ASP A 3 -5.97 6.40 23.95
C ASP A 3 -4.89 6.74 22.90
N THR A 4 -3.80 5.97 22.96
CA THR A 4 -2.60 6.23 22.15
C THR A 4 -2.63 5.56 20.78
N GLN A 5 -3.67 4.77 20.52
CA GLN A 5 -3.87 4.19 19.20
C GLN A 5 -4.05 5.30 18.18
N TYR A 6 -4.67 6.39 18.63
CA TYR A 6 -5.01 7.51 17.75
C TYR A 6 -4.05 8.70 17.77
N ILE A 7 -2.93 8.57 18.48
CA ILE A 7 -1.92 9.62 18.49
C ILE A 7 -0.55 9.08 18.11
N LEU A 8 0.36 10.00 17.80
CA LEU A 8 1.74 9.64 17.48
C LEU A 8 2.69 10.16 18.56
N PRO A 9 3.36 9.25 19.26
CA PRO A 9 4.29 9.59 20.34
C PRO A 9 5.35 10.60 19.89
N ASN A 10 5.73 11.51 20.77
CA ASN A 10 6.75 12.50 20.45
C ASN A 10 8.08 11.84 20.14
N ASP A 11 8.30 10.66 20.70
CA ASP A 11 9.59 9.97 20.59
C ASP A 11 9.68 9.06 19.36
N ILE A 12 8.68 9.15 18.48
CA ILE A 12 8.65 8.34 17.27
C ILE A 12 9.99 8.42 16.55
N GLY A 13 10.47 7.28 16.07
CA GLY A 13 11.69 7.23 15.32
C GLY A 13 11.53 7.87 13.95
N VAL A 14 12.56 8.57 13.50
CA VAL A 14 12.55 9.14 12.17
C VAL A 14 13.88 8.87 11.47
N SER A 15 13.79 8.46 10.21
CA SER A 15 14.99 8.16 9.44
C SER A 15 14.90 8.82 8.07
N SER A 16 16.05 9.19 7.53
CA SER A 16 16.10 9.83 6.22
C SER A 16 16.53 8.83 5.16
N LEU A 17 15.72 8.68 4.12
CA LEU A 17 16.06 7.82 3.01
C LEU A 17 17.39 8.29 2.44
N ASP A 18 18.36 7.40 2.35
CA ASP A 18 19.69 7.80 1.90
C ASP A 18 19.90 7.42 0.45
N CYS A 19 19.83 8.42 -0.42
CA CYS A 19 20.28 8.26 -1.79
C CYS A 19 21.07 9.49 -2.19
N ARG A 20 22.37 9.32 -2.40
CA ARG A 20 23.21 10.41 -2.87
C ARG A 20 24.09 9.90 -4.01
N GLU A 21 24.97 8.99 -3.65
CA GLU A 21 25.85 8.33 -4.60
C GLU A 21 25.04 7.87 -5.81
N ALA A 22 24.08 6.98 -5.59
CA ALA A 22 23.27 6.46 -6.69
C ALA A 22 22.71 7.58 -7.55
N PHE A 23 22.39 8.71 -6.93
CA PHE A 23 21.90 9.88 -7.65
C PHE A 23 23.02 10.61 -8.38
N ARG A 24 24.21 10.52 -7.82
CA ARG A 24 25.40 11.18 -8.33
C ARG A 24 25.91 10.52 -9.62
N LEU A 25 26.02 9.20 -9.59
CA LEU A 25 26.53 8.42 -10.71
C LEU A 25 25.78 8.70 -12.01
N LEU A 26 24.52 9.09 -11.88
CA LEU A 26 23.71 9.43 -13.04
C LEU A 26 24.28 10.65 -13.75
N SER A 27 24.49 10.53 -15.05
CA SER A 27 24.87 11.66 -15.89
C SER A 27 23.64 12.55 -16.06
N PRO A 28 23.84 13.82 -16.39
CA PRO A 28 22.76 14.81 -16.36
C PRO A 28 21.47 14.31 -17.02
N THR A 29 21.60 13.60 -18.13
CA THR A 29 20.42 13.11 -18.84
C THR A 29 19.57 12.18 -17.97
N GLU A 30 20.21 11.15 -17.44
CA GLU A 30 19.57 10.23 -16.52
C GLU A 30 18.99 11.03 -15.36
N ARG A 31 19.77 12.00 -14.90
CA ARG A 31 19.38 12.85 -13.77
C ARG A 31 18.02 13.50 -13.99
N LEU A 32 17.92 14.37 -15.00
CA LEU A 32 16.65 15.03 -15.31
C LEU A 32 15.54 14.01 -15.53
N TYR A 33 15.88 12.92 -16.22
CA TYR A 33 14.92 11.86 -16.47
C TYR A 33 14.40 11.24 -15.18
N ALA A 34 15.14 11.40 -14.10
CA ALA A 34 14.62 11.11 -12.76
C ALA A 34 13.82 12.29 -12.22
N TYR A 35 14.36 13.49 -12.45
CA TYR A 35 13.82 14.75 -11.95
C TYR A 35 12.34 14.91 -12.23
N HIS A 36 12.00 15.03 -13.50
CA HIS A 36 10.62 15.35 -13.86
C HIS A 36 9.62 14.30 -13.39
N LEU A 37 10.06 13.04 -13.36
CA LEU A 37 9.22 11.97 -12.85
C LEU A 37 8.99 12.16 -11.36
N SER A 38 10.04 12.55 -10.64
CA SER A 38 9.93 12.83 -9.23
C SER A 38 8.92 13.94 -9.00
N ARG A 39 8.96 14.97 -9.82
CA ARG A 39 8.05 16.10 -9.65
C ARG A 39 6.60 15.75 -10.02
N ALA A 40 6.43 14.91 -11.03
CA ALA A 40 5.10 14.46 -11.43
C ALA A 40 4.49 13.62 -10.32
N ALA A 41 5.25 12.63 -9.87
CA ALA A 41 4.84 11.78 -8.76
C ALA A 41 4.44 12.65 -7.57
N TRP A 42 5.32 13.58 -7.21
CA TRP A 42 5.04 14.50 -6.12
C TRP A 42 3.73 15.24 -6.33
N TYR A 43 3.48 15.69 -7.55
CA TYR A 43 2.25 16.39 -7.88
C TYR A 43 1.02 15.53 -7.67
N GLY A 44 1.06 14.30 -8.16
CA GLY A 44 -0.09 13.42 -8.11
C GLY A 44 -0.37 12.85 -6.73
N GLY A 45 0.68 12.73 -5.93
CA GLY A 45 0.58 12.12 -4.62
C GLY A 45 -0.33 12.85 -3.65
N LEU A 46 -0.68 14.09 -3.98
CA LEU A 46 -1.53 14.90 -3.12
C LEU A 46 -2.96 14.40 -3.13
N ALA A 47 -3.38 13.83 -4.24
CA ALA A 47 -4.74 13.32 -4.39
C ALA A 47 -5.05 12.30 -3.31
N VAL A 48 -4.00 11.75 -2.70
CA VAL A 48 -4.16 10.80 -1.62
C VAL A 48 -4.89 11.46 -0.45
N LEU A 49 -4.71 12.76 -0.29
CA LEU A 49 -5.45 13.52 0.70
C LEU A 49 -6.94 13.35 0.42
N LEU A 50 -7.32 13.50 -0.84
CA LEU A 50 -8.72 13.41 -1.24
C LEU A 50 -9.23 11.98 -1.22
N GLN A 51 -8.32 11.02 -1.29
CA GLN A 51 -8.69 9.60 -1.28
C GLN A 51 -8.72 9.04 0.15
N THR A 52 -8.20 9.82 1.10
CA THR A 52 -8.10 9.37 2.48
C THR A 52 -9.26 9.90 3.31
N SER A 53 -9.24 11.21 3.56
CA SER A 53 -10.21 11.83 4.45
C SER A 53 -10.83 13.07 3.81
N PRO A 54 -12.03 13.43 4.25
CA PRO A 54 -12.71 14.65 3.80
C PRO A 54 -11.95 15.90 4.22
N GLU A 55 -11.42 15.90 5.44
CA GLU A 55 -10.76 17.07 6.00
C GLU A 55 -9.27 17.14 5.71
N ALA A 56 -8.73 16.07 5.12
CA ALA A 56 -7.30 15.97 4.85
C ALA A 56 -6.71 17.12 4.04
N PRO A 57 -7.32 17.44 2.88
CA PRO A 57 -6.72 18.47 2.01
C PRO A 57 -6.55 19.80 2.74
N TYR A 58 -7.60 20.21 3.43
CA TYR A 58 -7.59 21.46 4.19
C TYR A 58 -6.45 21.44 5.19
N ILE A 59 -6.30 20.32 5.89
CA ILE A 59 -5.21 20.17 6.85
C ILE A 59 -3.86 20.38 6.18
N TYR A 60 -3.63 19.69 5.07
CA TYR A 60 -2.37 19.84 4.35
C TYR A 60 -2.09 21.30 3.98
N ALA A 61 -3.12 21.99 3.49
CA ALA A 61 -2.99 23.39 3.15
C ALA A 61 -2.59 24.23 4.37
N LEU A 62 -3.37 24.10 5.43
CA LEU A 62 -3.13 24.85 6.67
C LEU A 62 -1.71 24.64 7.19
N LEU A 63 -1.28 23.38 7.25
CA LEU A 63 0.06 23.04 7.71
C LEU A 63 1.13 23.67 6.82
N SER A 64 1.01 23.43 5.51
CA SER A 64 1.99 23.94 4.56
C SER A 64 2.16 25.46 4.69
N ARG A 65 1.05 26.18 4.78
CA ARG A 65 1.11 27.63 4.96
C ARG A 65 1.78 27.98 6.28
N LEU A 66 1.29 27.39 7.36
CA LEU A 66 1.81 27.63 8.70
C LEU A 66 3.32 27.54 8.71
N PHE A 67 3.87 26.47 8.16
CA PHE A 67 5.31 26.27 8.19
C PHE A 67 6.04 27.07 7.12
N ARG A 68 5.32 27.48 6.08
CA ARG A 68 5.90 28.36 5.08
C ARG A 68 6.22 29.71 5.70
N ALA A 69 5.32 30.19 6.55
CA ALA A 69 5.54 31.47 7.22
C ALA A 69 6.68 31.35 8.23
N GLN A 70 6.61 30.33 9.07
CA GLN A 70 7.64 30.10 10.08
C GLN A 70 8.05 28.63 10.11
N ASP A 71 9.35 28.36 10.01
CA ASP A 71 9.84 27.00 10.07
C ASP A 71 9.68 26.45 11.48
N PRO A 72 10.04 25.17 11.70
CA PRO A 72 9.87 24.60 13.04
C PRO A 72 10.51 25.48 14.13
N ASP A 73 11.73 25.94 13.87
CA ASP A 73 12.48 26.72 14.86
C ASP A 73 11.88 28.10 15.06
N GLN A 74 11.34 28.67 13.99
CA GLN A 74 10.71 29.98 14.05
C GLN A 74 9.34 29.90 14.71
N LEU A 75 8.52 28.94 14.27
CA LEU A 75 7.19 28.78 14.83
C LEU A 75 7.26 28.33 16.29
N ARG A 76 8.37 27.67 16.66
CA ARG A 76 8.62 27.22 18.03
C ARG A 76 8.49 28.35 19.03
N GLN A 77 9.22 29.44 18.78
CA GLN A 77 9.27 30.57 19.69
C GLN A 77 7.88 31.13 19.96
N HIS A 78 7.07 31.20 18.90
CA HIS A 78 5.69 31.65 19.00
C HIS A 78 4.85 30.68 19.84
N ALA A 79 4.92 29.39 19.47
CA ALA A 79 4.16 28.36 20.16
C ALA A 79 4.43 28.37 21.67
N LEU A 80 5.71 28.30 22.02
CA LEU A 80 6.12 28.34 23.42
C LEU A 80 5.67 29.64 24.08
N ALA A 81 5.93 30.77 23.42
CA ALA A 81 5.52 32.07 23.94
C ALA A 81 4.02 32.15 24.22
N GLU A 82 3.25 31.31 23.53
CA GLU A 82 1.79 31.30 23.70
C GLU A 82 1.34 30.50 24.91
N GLY A 83 2.29 29.90 25.62
CA GLY A 83 1.99 29.13 26.81
C GLY A 83 2.07 27.63 26.61
N LEU A 84 2.55 27.21 25.44
CA LEU A 84 2.72 25.79 25.16
C LEU A 84 4.03 25.27 25.73
N THR A 85 3.94 24.23 26.55
CA THR A 85 5.13 23.51 26.94
C THR A 85 5.68 22.87 25.69
N GLU A 86 6.98 22.64 25.68
CA GLU A 86 7.66 22.07 24.51
C GLU A 86 7.07 20.70 24.15
N GLU A 87 6.84 19.87 25.16
CA GLU A 87 6.35 18.52 24.94
C GLU A 87 5.03 18.49 24.18
N GLU A 88 4.34 19.63 24.16
CA GLU A 88 3.11 19.79 23.39
C GLU A 88 3.41 20.12 21.93
N TYR A 89 4.06 21.27 21.73
CA TYR A 89 4.45 21.72 20.40
C TYR A 89 5.13 20.61 19.62
N GLN A 90 6.09 19.94 20.25
CA GLN A 90 6.78 18.82 19.66
C GLN A 90 5.79 17.78 19.13
N ALA A 91 4.76 17.51 19.91
CA ALA A 91 3.71 16.58 19.50
C ALA A 91 2.93 17.11 18.29
N PHE A 92 2.78 18.43 18.21
CA PHE A 92 2.16 19.03 17.04
C PHE A 92 3.01 18.75 15.80
N LEU A 93 4.29 19.08 15.91
CA LEU A 93 5.24 18.85 14.84
C LEU A 93 5.12 17.41 14.38
N VAL A 94 5.09 16.50 15.35
CA VAL A 94 4.88 15.09 15.06
C VAL A 94 3.63 14.88 14.22
N TYR A 95 2.52 15.51 14.64
CA TYR A 95 1.27 15.36 13.91
C TYR A 95 1.34 15.85 12.46
N ALA A 96 2.02 16.98 12.24
CA ALA A 96 2.20 17.52 10.90
C ALA A 96 3.03 16.58 10.04
N ALA A 97 4.17 16.14 10.57
CA ALA A 97 5.02 15.21 9.84
C ALA A 97 4.25 13.94 9.51
N GLY A 98 3.37 13.54 10.43
CA GLY A 98 2.59 12.33 10.28
C GLY A 98 1.49 12.47 9.24
N VAL A 99 1.05 13.71 9.03
CA VAL A 99 0.09 13.99 7.98
C VAL A 99 0.79 14.04 6.62
N TYR A 100 2.02 14.55 6.61
CA TYR A 100 2.84 14.61 5.40
C TYR A 100 3.20 13.21 4.89
N SER A 101 3.77 12.40 5.77
CA SER A 101 4.22 11.06 5.37
C SER A 101 3.06 10.17 4.95
N ASN A 102 1.92 10.32 5.63
CA ASN A 102 0.75 9.51 5.33
C ASN A 102 -0.20 10.16 4.33
N MET A 103 0.17 11.36 3.87
CA MET A 103 -0.66 12.11 2.94
C MET A 103 -2.10 12.10 3.41
N GLY A 104 -2.28 12.27 4.71
CA GLY A 104 -3.58 12.23 5.34
C GLY A 104 -3.46 11.98 6.83
N ASN A 105 -4.60 12.06 7.53
CA ASN A 105 -4.63 11.90 8.97
C ASN A 105 -4.94 10.46 9.43
N TYR A 106 -5.00 9.54 8.48
CA TYR A 106 -5.14 8.12 8.79
C TYR A 106 -3.87 7.37 8.41
N LYS A 107 -3.46 6.43 9.27
CA LYS A 107 -2.24 5.66 9.01
C LYS A 107 -2.33 4.80 7.75
N SER A 108 -1.29 4.89 6.92
CA SER A 108 -1.19 4.03 5.75
C SER A 108 -1.16 2.58 6.20
N PHE A 109 -0.61 2.35 7.39
CA PHE A 109 -0.55 1.01 7.95
C PHE A 109 -1.57 0.84 9.07
N GLY A 110 -2.64 0.10 8.78
CA GLY A 110 -3.68 -0.12 9.77
C GLY A 110 -4.92 0.73 9.56
N ASP A 111 -4.84 1.69 8.63
CA ASP A 111 -6.00 2.50 8.26
C ASP A 111 -6.78 3.03 9.47
N THR A 112 -6.06 3.61 10.43
CA THR A 112 -6.69 4.17 11.62
C THR A 112 -6.38 5.65 11.76
N LYS A 113 -7.35 6.41 12.25
CA LYS A 113 -7.22 7.86 12.37
C LYS A 113 -6.19 8.24 13.44
N PHE A 114 -5.62 9.44 13.31
CA PHE A 114 -4.75 9.97 14.35
C PHE A 114 -4.85 11.49 14.45
N VAL A 115 -4.70 12.00 15.67
CA VAL A 115 -4.88 13.43 15.95
C VAL A 115 -3.66 14.01 16.66
N PRO A 116 -3.50 15.34 16.61
CA PRO A 116 -2.39 15.96 17.33
C PRO A 116 -2.60 15.77 18.83
N ASN A 117 -1.53 15.56 19.59
CA ASN A 117 -1.69 15.34 21.02
C ASN A 117 -1.40 16.65 21.75
N LEU A 118 -2.47 17.30 22.20
CA LEU A 118 -2.39 18.64 22.75
C LEU A 118 -3.80 19.19 22.95
N PRO A 119 -4.00 20.01 23.99
CA PRO A 119 -5.28 20.71 24.11
C PRO A 119 -5.58 21.56 22.87
N LYS A 120 -6.80 21.43 22.35
CA LYS A 120 -7.23 22.15 21.17
C LYS A 120 -7.12 23.66 21.31
N GLU A 121 -7.59 24.16 22.45
CA GLU A 121 -7.64 25.60 22.70
C GLU A 121 -6.27 26.25 22.58
N LYS A 122 -5.22 25.45 22.74
CA LYS A 122 -3.85 25.95 22.62
C LYS A 122 -3.41 26.04 21.15
N LEU A 123 -3.76 25.02 20.37
CA LEU A 123 -3.41 25.01 18.97
C LEU A 123 -4.18 26.10 18.22
N GLU A 124 -5.41 26.40 18.68
CA GLU A 124 -6.13 27.53 18.12
C GLU A 124 -5.24 28.77 18.17
N ARG A 125 -4.66 29.00 19.34
CA ARG A 125 -3.69 30.06 19.53
C ARG A 125 -2.53 29.94 18.55
N VAL A 126 -1.79 28.85 18.65
CA VAL A 126 -0.58 28.68 17.82
C VAL A 126 -0.83 28.99 16.35
N ILE A 127 -1.96 28.52 15.82
CA ILE A 127 -2.27 28.72 14.42
C ILE A 127 -2.76 30.14 14.10
N LEU A 128 -3.64 30.67 14.95
CA LEU A 128 -4.18 32.01 14.73
C LEU A 128 -3.13 33.09 14.95
N GLY A 129 -2.41 33.00 16.06
CA GLY A 129 -1.39 33.98 16.40
C GLY A 129 -0.19 33.92 15.49
N SER A 130 -0.13 32.90 14.64
CA SER A 130 1.02 32.66 13.78
C SER A 130 1.22 33.77 12.76
N GLU A 131 2.45 33.89 12.27
CA GLU A 131 2.79 34.87 11.25
C GLU A 131 1.88 34.73 10.04
N ALA A 132 1.68 33.49 9.60
CA ALA A 132 0.88 33.19 8.42
C ALA A 132 -0.54 33.74 8.52
N ALA A 133 -1.02 33.91 9.74
CA ALA A 133 -2.37 34.42 9.97
C ALA A 133 -2.40 35.95 10.07
N GLN A 134 -1.22 36.56 10.15
CA GLN A 134 -1.11 38.02 10.17
C GLN A 134 -0.85 38.54 8.76
N GLN A 135 -0.83 37.62 7.82
CA GLN A 135 -0.58 37.91 6.41
C GLN A 135 -1.84 37.64 5.60
N HIS A 136 -2.32 36.40 5.66
CA HIS A 136 -3.57 36.02 5.04
C HIS A 136 -4.55 35.55 6.12
N PRO A 137 -4.99 36.48 6.98
CA PRO A 137 -5.85 36.15 8.13
C PRO A 137 -7.20 35.55 7.70
N GLU A 138 -7.55 35.76 6.43
CA GLU A 138 -8.79 35.21 5.90
C GLU A 138 -8.71 33.70 5.76
N GLU A 139 -7.66 33.21 5.10
CA GLU A 139 -7.47 31.78 4.90
C GLU A 139 -7.44 31.03 6.23
N VAL A 140 -6.45 31.32 7.07
CA VAL A 140 -6.26 30.59 8.32
C VAL A 140 -7.55 30.38 9.12
N ARG A 141 -8.42 31.38 9.13
CA ARG A 141 -9.71 31.25 9.81
C ARG A 141 -10.72 30.47 8.97
N GLY A 142 -10.64 30.65 7.65
CA GLY A 142 -11.53 29.94 6.74
C GLY A 142 -11.20 28.47 6.62
N LEU A 143 -10.08 28.08 7.22
CA LEU A 143 -9.61 26.70 7.20
C LEU A 143 -9.77 26.13 8.60
N TRP A 144 -9.08 26.77 9.54
CA TRP A 144 -9.12 26.37 10.94
C TRP A 144 -10.56 26.15 11.40
N GLN A 145 -11.49 26.93 10.85
CA GLN A 145 -12.89 26.77 11.19
C GLN A 145 -13.48 25.55 10.49
N THR A 146 -12.89 25.20 9.35
CA THR A 146 -13.37 24.09 8.52
C THR A 146 -12.85 22.73 9.00
N CYS A 147 -11.53 22.54 8.91
CA CYS A 147 -10.93 21.25 9.23
C CYS A 147 -10.47 21.16 10.68
N GLY A 148 -10.76 22.18 11.46
CA GLY A 148 -10.28 22.22 12.83
C GLY A 148 -10.69 21.03 13.66
N GLU A 149 -12.00 20.78 13.78
CA GLU A 149 -12.49 19.72 14.65
C GLU A 149 -12.10 18.32 14.18
N LEU A 150 -12.37 18.04 12.90
CA LEU A 150 -12.09 16.73 12.33
C LEU A 150 -10.61 16.39 12.41
N MET A 151 -9.80 17.41 12.71
CA MET A 151 -8.39 17.21 12.98
C MET A 151 -8.20 16.45 14.29
N PHE A 152 -8.94 16.90 15.31
CA PHE A 152 -8.88 16.27 16.63
C PHE A 152 -10.02 15.29 16.94
N SER A 153 -10.96 15.10 16.01
CA SER A 153 -12.19 14.38 16.34
C SER A 153 -11.99 12.89 16.58
N LEU A 154 -12.34 12.46 17.79
CA LEU A 154 -12.21 11.06 18.20
C LEU A 154 -13.51 10.25 18.16
N GLU A 155 -14.60 10.85 17.69
CA GLU A 155 -15.89 10.17 17.69
C GLU A 155 -15.74 8.79 17.06
N PRO A 156 -16.40 7.78 17.66
CA PRO A 156 -16.20 6.36 17.33
C PRO A 156 -16.22 6.08 15.84
N ARG A 157 -17.17 6.69 15.12
CA ARG A 157 -17.37 6.39 13.71
C ARG A 157 -16.26 6.96 12.82
N LEU A 158 -15.47 7.87 13.37
CA LEU A 158 -14.39 8.49 12.61
C LEU A 158 -13.04 7.83 12.84
N ARG A 159 -13.00 6.85 13.74
CA ARG A 159 -11.73 6.25 14.19
C ARG A 159 -11.09 5.35 13.14
N HIS A 160 -11.89 4.56 12.43
CA HIS A 160 -11.34 3.66 11.43
C HIS A 160 -11.88 4.01 10.05
N LEU A 161 -11.39 3.30 9.03
CA LEU A 161 -11.85 3.50 7.66
C LEU A 161 -12.90 2.45 7.32
N GLY A 162 -13.98 2.86 6.66
CA GLY A 162 -14.96 1.89 6.20
C GLY A 162 -16.27 2.41 5.66
N LEU A 163 -16.97 1.54 4.93
CA LEU A 163 -18.29 1.84 4.38
C LEU A 163 -19.37 1.74 5.44
N GLY A 164 -20.50 2.40 5.20
CA GLY A 164 -21.61 2.35 6.12
C GLY A 164 -21.45 3.32 7.28
N LYS A 165 -22.18 3.08 8.37
CA LYS A 165 -22.14 3.96 9.53
C LYS A 165 -20.82 3.83 10.31
N GLU A 166 -20.14 2.71 10.17
CA GLU A 166 -18.91 2.48 10.94
C GLU A 166 -17.85 3.55 10.70
N GLY A 167 -17.23 3.50 9.53
CA GLY A 167 -16.04 4.29 9.27
C GLY A 167 -16.16 5.44 8.30
N ILE A 168 -15.03 5.82 7.73
CA ILE A 168 -14.93 6.91 6.78
C ILE A 168 -14.09 6.51 5.57
N THR A 169 -14.66 6.67 4.38
CA THR A 169 -13.89 6.49 3.16
C THR A 169 -14.33 7.50 2.10
N THR A 170 -13.37 8.13 1.46
CA THR A 170 -13.67 9.12 0.43
C THR A 170 -13.65 8.50 -0.97
N TYR A 171 -13.44 7.19 -1.03
CA TYR A 171 -13.55 6.46 -2.28
C TYR A 171 -15.03 6.43 -2.68
N PHE A 172 -15.88 6.51 -1.67
CA PHE A 172 -17.33 6.51 -1.86
C PHE A 172 -17.93 7.75 -1.22
N SER A 173 -19.17 8.05 -1.55
CA SER A 173 -19.86 9.15 -0.91
C SER A 173 -20.19 8.73 0.52
N GLY A 174 -20.80 9.63 1.29
CA GLY A 174 -21.02 9.39 2.70
C GLY A 174 -22.13 8.40 3.01
N ASN A 175 -23.09 8.28 2.09
CA ASN A 175 -24.26 7.44 2.32
C ASN A 175 -24.11 6.01 1.80
N CYS A 176 -22.98 5.72 1.15
CA CYS A 176 -22.77 4.42 0.53
C CYS A 176 -22.51 3.32 1.55
N THR A 177 -23.21 2.20 1.39
CA THR A 177 -22.90 0.99 2.14
C THR A 177 -22.22 0.00 1.21
N MET A 178 -21.83 -1.15 1.75
CA MET A 178 -21.15 -2.17 0.95
C MET A 178 -22.01 -2.61 -0.23
N GLU A 179 -23.32 -2.69 0.01
CA GLU A 179 -24.27 -3.09 -1.00
C GLU A 179 -24.06 -2.31 -2.29
N ASP A 180 -23.82 -1.02 -2.14
CA ASP A 180 -23.60 -0.14 -3.28
C ASP A 180 -22.32 -0.47 -4.00
N ALA A 181 -21.23 -0.63 -3.24
CA ALA A 181 -19.95 -1.00 -3.81
C ALA A 181 -20.08 -2.27 -4.63
N LYS A 182 -20.92 -3.19 -4.16
CA LYS A 182 -21.14 -4.45 -4.85
C LYS A 182 -21.93 -4.25 -6.15
N LEU A 183 -23.09 -3.62 -6.03
CA LEU A 183 -23.92 -3.34 -7.20
C LEU A 183 -23.11 -2.63 -8.27
N ALA A 184 -22.65 -1.43 -7.94
CA ALA A 184 -21.81 -0.64 -8.84
C ALA A 184 -20.64 -1.48 -9.34
N GLN A 185 -20.13 -2.38 -8.52
CA GLN A 185 -19.07 -3.28 -8.95
C GLN A 185 -19.50 -4.11 -10.17
N ASP A 186 -20.53 -4.93 -9.98
CA ASP A 186 -21.07 -5.74 -11.06
C ASP A 186 -21.30 -4.86 -12.29
N PHE A 187 -21.91 -3.70 -12.06
CA PHE A 187 -22.15 -2.72 -13.12
C PHE A 187 -20.86 -2.30 -13.85
N LEU A 188 -19.76 -2.25 -13.12
CA LEU A 188 -18.48 -1.88 -13.70
C LEU A 188 -17.95 -3.00 -14.57
N ASP A 189 -18.03 -4.23 -14.06
CA ASP A 189 -17.55 -5.37 -14.82
C ASP A 189 -18.42 -5.70 -16.04
N SER A 190 -19.66 -5.25 -16.02
CA SER A 190 -20.56 -5.47 -17.16
C SER A 190 -20.08 -4.71 -18.39
N GLN A 191 -19.72 -3.44 -18.21
CA GLN A 191 -19.16 -2.64 -19.29
C GLN A 191 -17.64 -2.79 -19.30
N ASN A 192 -17.16 -3.72 -18.49
CA ASN A 192 -15.73 -3.91 -18.23
C ASN A 192 -14.94 -2.63 -18.01
N LEU A 193 -15.31 -1.91 -16.95
CA LEU A 193 -14.58 -0.72 -16.51
C LEU A 193 -13.63 -1.10 -15.39
N SER A 194 -12.41 -0.58 -15.46
CA SER A 194 -11.43 -0.82 -14.40
C SER A 194 -11.79 0.06 -13.19
N ALA A 195 -11.85 -0.56 -12.02
CA ALA A 195 -12.27 0.13 -10.82
C ALA A 195 -11.13 0.93 -10.17
N TYR A 196 -9.92 0.78 -10.69
CA TYR A 196 -8.74 1.42 -10.10
C TYR A 196 -8.88 2.94 -9.95
N ASN A 197 -9.16 3.62 -11.06
CA ASN A 197 -9.15 5.08 -11.12
C ASN A 197 -10.49 5.75 -10.84
N THR A 198 -11.47 4.97 -10.39
CA THR A 198 -12.83 5.48 -10.22
C THR A 198 -13.28 5.60 -8.77
N ARG A 199 -14.23 6.49 -8.53
CA ARG A 199 -14.89 6.62 -7.23
C ARG A 199 -16.41 6.61 -7.41
N LEU A 200 -17.11 6.06 -6.41
CA LEU A 200 -18.56 5.95 -6.47
C LEU A 200 -19.24 6.98 -5.58
N PHE A 201 -20.08 7.82 -6.18
CA PHE A 201 -20.84 8.81 -5.44
C PHE A 201 -22.34 8.56 -5.60
N LYS A 202 -23.00 8.18 -4.50
CA LYS A 202 -24.43 7.95 -4.53
C LYS A 202 -25.20 9.23 -4.18
N GLU A 203 -26.32 9.46 -4.88
CA GLU A 203 -27.15 10.62 -4.61
C GLU A 203 -28.62 10.23 -4.49
N VAL A 204 -29.43 11.09 -3.90
CA VAL A 204 -30.86 10.80 -3.74
C VAL A 204 -31.75 12.03 -3.99
N ASP A 205 -32.86 11.80 -4.70
CA ASP A 205 -33.83 12.85 -5.02
C ASP A 205 -34.93 12.89 -3.96
N GLY A 206 -35.99 13.64 -4.25
CA GLY A 206 -37.11 13.75 -3.33
C GLY A 206 -37.62 12.39 -2.89
N GLU A 207 -37.95 11.53 -3.85
CA GLU A 207 -38.24 10.14 -3.54
C GLU A 207 -36.94 9.40 -3.28
N GLY A 208 -37.02 8.27 -2.59
CA GLY A 208 -35.84 7.60 -2.08
C GLY A 208 -34.97 6.89 -3.11
N LYS A 209 -35.25 7.09 -4.39
CA LYS A 209 -34.49 6.43 -5.44
C LYS A 209 -33.08 7.00 -5.59
N PRO A 210 -32.06 6.17 -5.31
CA PRO A 210 -30.66 6.56 -5.46
C PRO A 210 -30.20 6.55 -6.92
N TYR A 211 -29.33 7.49 -7.26
CA TYR A 211 -28.67 7.51 -8.56
C TYR A 211 -27.18 7.40 -8.32
N TYR A 212 -26.46 6.70 -9.20
CA TYR A 212 -25.03 6.49 -8.98
C TYR A 212 -24.15 7.25 -9.97
N GLU A 213 -23.17 7.96 -9.44
CA GLU A 213 -22.16 8.63 -10.27
C GLU A 213 -20.82 7.91 -10.14
N VAL A 214 -20.41 7.23 -11.20
CA VAL A 214 -19.09 6.63 -11.24
C VAL A 214 -18.14 7.62 -11.90
N ARG A 215 -17.24 8.17 -11.10
CA ARG A 215 -16.33 9.21 -11.58
C ARG A 215 -14.94 8.63 -11.84
N LEU A 216 -14.29 9.14 -12.88
CA LEU A 216 -12.97 8.68 -13.27
C LEU A 216 -12.00 9.82 -13.03
N ALA A 217 -10.75 9.50 -12.75
CA ALA A 217 -9.77 10.53 -12.49
C ALA A 217 -9.08 10.90 -13.80
N SER A 218 -9.34 12.12 -14.27
CA SER A 218 -8.77 12.60 -15.53
C SER A 218 -8.64 14.12 -15.53
N VAL A 219 -7.68 14.61 -16.29
CA VAL A 219 -7.47 16.05 -16.43
C VAL A 219 -8.67 16.72 -17.10
N LEU A 220 -9.22 16.04 -18.11
CA LEU A 220 -10.30 16.61 -18.89
C LEU A 220 -11.64 16.04 -18.45
N GLY A 221 -12.46 16.89 -17.84
CA GLY A 221 -13.79 16.50 -17.43
C GLY A 221 -14.64 16.22 -18.65
N SER A 222 -15.87 15.75 -18.44
CA SER A 222 -16.77 15.48 -19.54
C SER A 222 -17.07 16.78 -20.28
N GLU A 223 -16.78 16.80 -21.58
CA GLU A 223 -16.93 17.96 -22.43
C GLU A 223 -16.91 17.45 -23.86
N PRO A 224 -16.94 18.35 -24.87
CA PRO A 224 -16.83 17.72 -26.18
C PRO A 224 -15.53 16.91 -26.19
N SER A 225 -15.62 15.63 -26.54
CA SER A 225 -14.48 14.75 -26.33
C SER A 225 -13.42 14.89 -27.42
N LEU A 226 -12.31 14.22 -27.23
CA LEU A 226 -11.23 14.20 -28.21
C LEU A 226 -11.24 12.96 -29.10
N ASP A 227 -12.30 12.16 -29.02
CA ASP A 227 -12.34 10.88 -29.70
C ASP A 227 -11.31 9.89 -29.16
N SER A 228 -11.57 9.42 -27.94
CA SER A 228 -10.81 8.35 -27.31
C SER A 228 -11.77 7.25 -26.86
N GLU A 229 -11.25 6.24 -26.17
CA GLU A 229 -12.09 5.19 -25.59
C GLU A 229 -13.15 5.80 -24.69
N VAL A 230 -12.71 6.47 -23.63
CA VAL A 230 -13.60 7.08 -22.65
C VAL A 230 -14.69 7.92 -23.30
N THR A 231 -14.36 8.51 -24.44
CA THR A 231 -15.31 9.34 -25.19
C THR A 231 -16.68 8.65 -25.26
N SER A 232 -16.72 7.52 -25.95
CA SER A 232 -17.97 6.78 -26.12
C SER A 232 -18.53 6.28 -24.78
N LYS A 233 -17.71 6.30 -23.75
CA LYS A 233 -18.09 5.73 -22.46
C LYS A 233 -18.75 6.73 -21.50
N LEU A 234 -18.76 8.02 -21.86
CA LEU A 234 -19.35 9.00 -20.98
C LEU A 234 -20.81 9.20 -21.37
N LYS A 235 -21.71 8.69 -20.53
CA LYS A 235 -23.14 8.72 -20.81
C LYS A 235 -23.95 8.22 -19.62
N SER A 236 -25.27 8.13 -19.80
CA SER A 236 -26.14 7.59 -18.76
C SER A 236 -26.53 6.14 -19.07
N TYR A 237 -26.58 5.33 -18.02
CA TYR A 237 -26.94 3.92 -18.12
C TYR A 237 -28.03 3.59 -17.11
N GLU A 238 -28.53 2.36 -17.20
CA GLU A 238 -29.57 1.86 -16.32
C GLU A 238 -29.19 0.47 -15.80
N PHE A 239 -29.19 0.32 -14.48
CA PHE A 239 -28.88 -0.96 -13.86
C PHE A 239 -29.89 -1.29 -12.78
N ARG A 240 -30.67 -2.34 -13.01
CA ARG A 240 -31.57 -2.89 -11.98
C ARG A 240 -32.32 -1.83 -11.17
N GLY A 241 -33.21 -1.10 -11.83
CA GLY A 241 -34.07 -0.14 -11.15
C GLY A 241 -33.34 1.07 -10.59
N SER A 242 -32.05 1.16 -10.86
CA SER A 242 -31.27 2.32 -10.42
C SER A 242 -30.31 2.80 -11.50
N PRO A 243 -30.20 4.14 -11.66
CA PRO A 243 -29.43 4.83 -12.69
C PRO A 243 -27.93 4.84 -12.46
N PHE A 244 -27.16 4.78 -13.54
CA PHE A 244 -25.70 4.91 -13.45
C PHE A 244 -25.18 5.99 -14.40
N GLN A 245 -24.13 6.69 -14.01
CA GLN A 245 -23.54 7.71 -14.89
C GLN A 245 -22.02 7.68 -14.85
N VAL A 246 -21.39 7.42 -15.99
CA VAL A 246 -19.93 7.40 -16.06
C VAL A 246 -19.39 8.77 -16.48
N THR A 247 -18.69 9.42 -15.55
CA THR A 247 -18.19 10.77 -15.75
C THR A 247 -16.70 10.79 -15.45
N ARG A 248 -16.04 11.88 -15.81
CA ARG A 248 -14.61 12.03 -15.53
C ARG A 248 -14.27 13.43 -15.05
N GLY A 249 -12.98 13.69 -14.86
CA GLY A 249 -12.52 14.98 -14.39
C GLY A 249 -12.16 15.00 -12.92
N ASP A 250 -12.04 13.82 -12.33
CA ASP A 250 -11.69 13.69 -10.91
C ASP A 250 -10.25 14.12 -10.68
N TYR A 251 -10.05 15.04 -9.74
CA TYR A 251 -8.74 15.65 -9.49
C TYR A 251 -8.03 16.03 -10.79
N ALA A 252 -8.62 16.96 -11.54
CA ALA A 252 -8.12 17.32 -12.86
C ALA A 252 -6.77 18.08 -12.91
N PRO A 253 -6.69 19.23 -12.22
CA PRO A 253 -5.52 20.12 -12.37
C PRO A 253 -4.23 19.45 -11.92
N ILE A 254 -4.34 18.67 -10.84
CA ILE A 254 -3.20 17.92 -10.34
C ILE A 254 -2.59 17.09 -11.48
N LEU A 255 -3.44 16.32 -12.15
CA LEU A 255 -2.99 15.50 -13.27
C LEU A 255 -2.53 16.36 -14.45
N GLN A 256 -3.06 17.58 -14.56
CA GLN A 256 -2.49 18.53 -15.50
C GLN A 256 -0.99 18.62 -15.23
N LYS A 257 -0.66 19.07 -14.02
CA LYS A 257 0.73 19.16 -13.60
C LYS A 257 1.49 17.87 -13.92
N VAL A 258 0.90 16.75 -13.54
CA VAL A 258 1.57 15.46 -13.67
C VAL A 258 1.93 15.12 -15.11
N VAL A 259 0.93 15.12 -16.00
CA VAL A 259 1.17 14.86 -17.41
C VAL A 259 2.27 15.79 -17.92
N GLU A 260 2.24 17.04 -17.46
CA GLU A 260 3.31 17.97 -17.80
C GLU A 260 4.67 17.34 -17.46
N GLN A 261 4.92 17.15 -16.17
CA GLN A 261 6.21 16.64 -15.74
C GLN A 261 6.63 15.36 -16.47
N LEU A 262 5.66 14.49 -16.79
CA LEU A 262 5.97 13.25 -17.50
C LEU A 262 6.43 13.51 -18.94
N GLU A 263 5.72 14.39 -19.64
CA GLU A 263 6.14 14.73 -20.99
C GLU A 263 7.53 15.36 -20.95
N LYS A 264 7.80 16.16 -19.92
CA LYS A 264 9.14 16.70 -19.73
C LYS A 264 10.13 15.56 -19.47
N ALA A 265 9.61 14.44 -18.97
CA ALA A 265 10.41 13.24 -18.73
C ALA A 265 10.81 12.57 -20.03
N LYS A 266 9.89 12.60 -21.00
CA LYS A 266 10.06 11.88 -22.26
C LYS A 266 11.43 12.02 -22.93
N ALA A 267 11.75 13.25 -23.35
CA ALA A 267 12.89 13.49 -24.25
C ALA A 267 14.20 12.93 -23.71
N TYR A 268 14.24 12.67 -22.41
CA TYR A 268 15.45 12.23 -21.75
C TYR A 268 15.52 10.70 -21.65
N ALA A 269 14.49 10.04 -22.19
CA ALA A 269 14.38 8.59 -22.13
C ALA A 269 15.58 7.90 -22.76
N ALA A 270 16.07 6.85 -22.10
CA ALA A 270 17.23 6.10 -22.57
C ALA A 270 16.92 5.30 -23.82
N ASN A 271 15.64 5.01 -24.03
CA ASN A 271 15.19 4.30 -25.23
C ASN A 271 13.72 4.56 -25.54
N SER A 272 13.29 4.21 -26.74
CA SER A 272 11.92 4.46 -27.17
C SER A 272 10.90 4.04 -26.11
N HIS A 273 11.16 2.93 -25.45
CA HIS A 273 10.25 2.37 -24.45
C HIS A 273 9.69 3.40 -23.47
N GLN A 274 10.56 4.03 -22.70
CA GLN A 274 10.13 5.07 -21.77
C GLN A 274 9.41 6.21 -22.50
N GLY A 275 10.09 6.78 -23.50
CA GLY A 275 9.55 7.93 -24.22
C GLY A 275 8.13 7.72 -24.69
N GLN A 276 7.77 6.46 -24.95
CA GLN A 276 6.41 6.13 -25.38
C GLN A 276 5.50 5.78 -24.20
N MET A 277 5.85 4.74 -23.44
CA MET A 277 5.04 4.31 -22.30
C MET A 277 4.61 5.51 -21.45
N LEU A 278 5.53 6.44 -21.25
CA LEU A 278 5.20 7.69 -20.59
C LEU A 278 3.99 8.31 -21.25
N ALA A 279 4.11 8.63 -22.54
CA ALA A 279 3.00 9.18 -23.31
C ALA A 279 1.71 8.40 -23.09
N GLN A 280 1.82 7.07 -23.03
CA GLN A 280 0.67 6.23 -22.75
C GLN A 280 0.06 6.62 -21.41
N TYR A 281 0.92 6.80 -20.40
CA TYR A 281 0.49 7.25 -19.09
C TYR A 281 -0.22 8.60 -19.20
N ILE A 282 0.34 9.50 -20.02
CA ILE A 282 -0.28 10.77 -20.30
C ILE A 282 -1.72 10.56 -20.77
N GLU A 283 -1.88 9.69 -21.77
CA GLU A 283 -3.20 9.36 -22.31
C GLU A 283 -4.12 8.88 -21.19
N SER A 284 -3.58 8.02 -20.32
CA SER A 284 -4.37 7.42 -19.25
C SER A 284 -4.86 8.44 -18.24
N PHE A 285 -3.98 9.36 -17.86
CA PHE A 285 -4.29 10.37 -16.85
C PHE A 285 -5.00 11.56 -17.48
N THR A 286 -5.13 11.53 -18.80
CA THR A 286 -5.78 12.61 -19.53
C THR A 286 -7.24 12.24 -19.84
N GLN A 287 -7.40 11.20 -20.64
CA GLN A 287 -8.73 10.73 -21.01
C GLN A 287 -9.42 10.04 -19.85
N GLY A 288 -8.62 9.53 -18.91
CA GLY A 288 -9.14 8.73 -17.82
C GLY A 288 -9.24 7.28 -18.27
N SER A 289 -8.64 7.00 -19.42
CA SER A 289 -8.66 5.65 -20.00
C SER A 289 -7.60 4.77 -19.34
N ILE A 290 -8.05 3.67 -18.76
CA ILE A 290 -7.16 2.75 -18.06
C ILE A 290 -6.28 1.97 -19.04
N GLU A 291 -6.87 1.57 -20.16
CA GLU A 291 -6.13 0.84 -21.19
C GLU A 291 -4.83 1.55 -21.52
N ALA A 292 -4.90 2.87 -21.59
CA ALA A 292 -3.73 3.70 -21.87
C ALA A 292 -2.63 3.42 -20.86
N HIS A 293 -3.02 3.22 -19.60
CA HIS A 293 -2.06 2.88 -18.56
C HIS A 293 -1.58 1.44 -18.72
N LYS A 294 -2.47 0.56 -19.17
CA LYS A 294 -2.09 -0.83 -19.43
C LYS A 294 -0.96 -0.94 -20.45
N ARG A 295 -1.08 -0.23 -21.56
CA ARG A 295 -0.07 -0.27 -22.61
C ARG A 295 1.31 0.13 -22.10
N GLY A 296 1.40 1.31 -21.50
CA GLY A 296 2.63 1.76 -20.89
C GLY A 296 3.10 0.78 -19.84
N SER A 297 2.16 0.06 -19.24
CA SER A 297 2.48 -0.94 -18.23
C SER A 297 3.21 -2.14 -18.86
N ARG A 298 2.82 -2.51 -20.08
CA ARG A 298 3.52 -3.54 -20.82
C ARG A 298 4.89 -3.03 -21.28
N PHE A 299 4.90 -1.87 -21.92
CA PHE A 299 6.14 -1.26 -22.37
C PHE A 299 7.15 -1.25 -21.24
N TRP A 300 6.67 -0.94 -20.04
CA TRP A 300 7.53 -0.81 -18.87
C TRP A 300 8.29 -2.10 -18.54
N ILE A 301 7.68 -3.26 -18.80
CA ILE A 301 8.43 -4.51 -18.69
C ILE A 301 9.27 -4.77 -19.94
N GLN A 302 8.76 -4.38 -21.10
CA GLN A 302 9.54 -4.49 -22.34
C GLN A 302 10.86 -3.75 -22.19
N ASP A 303 10.90 -2.82 -21.25
CA ASP A 303 12.13 -2.13 -20.88
C ASP A 303 12.83 -2.91 -19.76
N LYS A 304 14.13 -3.10 -19.88
CA LYS A 304 14.87 -3.86 -18.88
C LYS A 304 16.16 -3.17 -18.43
N GLY A 305 16.57 -3.49 -17.21
CA GLY A 305 17.83 -3.00 -16.66
C GLY A 305 18.07 -1.51 -16.84
N PRO A 306 17.04 -0.69 -16.66
CA PRO A 306 17.24 0.75 -16.87
C PRO A 306 18.00 1.37 -15.70
N ILE A 307 18.86 2.33 -15.99
CA ILE A 307 19.59 3.03 -14.93
C ILE A 307 18.61 3.62 -13.92
N VAL A 308 17.56 4.25 -14.45
CA VAL A 308 16.52 4.82 -13.61
C VAL A 308 15.23 4.01 -13.76
N GLU A 309 14.70 3.54 -12.64
CA GLU A 309 13.44 2.82 -12.64
C GLU A 309 12.32 3.73 -12.18
N SER A 310 11.15 3.60 -12.79
CA SER A 310 10.03 4.45 -12.45
C SER A 310 8.67 3.77 -12.65
N TYR A 311 7.63 4.36 -12.08
CA TYR A 311 6.27 3.86 -12.22
C TYR A 311 5.33 4.79 -11.46
N ILE A 312 4.04 4.72 -11.79
CA ILE A 312 3.06 5.63 -11.21
C ILE A 312 1.66 5.31 -11.73
N GLY A 313 0.64 5.74 -10.97
CA GLY A 313 -0.75 5.53 -11.35
C GLY A 313 -1.60 5.28 -10.13
N PHE A 314 -2.83 4.82 -10.33
CA PHE A 314 -3.63 4.27 -9.26
C PHE A 314 -3.38 2.77 -9.31
N ILE A 315 -2.66 2.25 -8.31
CA ILE A 315 -2.08 0.92 -8.44
C ILE A 315 -2.49 -0.07 -7.35
N GLU A 316 -1.99 0.15 -6.13
CA GLU A 316 -2.31 -0.75 -5.03
C GLU A 316 -3.74 -0.49 -4.53
N SER A 317 -4.51 -1.57 -4.43
CA SER A 317 -5.94 -1.48 -4.11
C SER A 317 -6.25 -1.65 -2.61
N TYR A 318 -5.22 -1.72 -1.79
CA TYR A 318 -5.35 -2.02 -0.37
C TYR A 318 -6.39 -1.18 0.38
N ARG A 319 -6.41 0.12 0.14
CA ARG A 319 -7.17 1.04 1.00
C ARG A 319 -8.63 1.27 0.60
N ASP A 320 -9.08 0.56 -0.44
CA ASP A 320 -10.50 0.59 -0.81
C ASP A 320 -11.27 -0.38 0.09
N PRO A 321 -12.25 0.14 0.84
CA PRO A 321 -13.09 -0.72 1.68
C PRO A 321 -13.64 -1.91 0.91
N PHE A 322 -13.93 -1.69 -0.37
CA PHE A 322 -14.38 -2.78 -1.25
C PHE A 322 -13.21 -3.64 -1.75
N GLY A 323 -12.09 -2.99 -2.05
CA GLY A 323 -10.89 -3.68 -2.48
C GLY A 323 -10.62 -3.64 -3.98
N SER A 324 -11.32 -2.76 -4.68
CA SER A 324 -11.14 -2.62 -6.13
C SER A 324 -10.35 -1.37 -6.48
N ARG A 325 -10.92 -0.21 -6.17
CA ARG A 325 -10.32 1.09 -6.46
C ARG A 325 -8.91 1.22 -5.90
N GLY A 326 -7.99 1.67 -6.75
CA GLY A 326 -6.60 1.81 -6.38
C GLY A 326 -6.23 3.19 -5.85
N GLU A 327 -5.18 3.24 -5.02
CA GLU A 327 -4.71 4.48 -4.46
C GLU A 327 -3.52 5.00 -5.27
N PHE A 328 -3.58 6.27 -5.65
CA PHE A 328 -2.56 6.86 -6.50
C PHE A 328 -1.20 6.93 -5.81
N GLU A 329 -0.15 6.70 -6.60
CA GLU A 329 1.20 6.74 -6.11
C GLU A 329 2.13 7.01 -7.28
N GLY A 330 3.43 7.07 -7.01
CA GLY A 330 4.44 7.15 -8.04
C GLY A 330 5.82 7.01 -7.42
N PHE A 331 6.80 6.57 -8.19
CA PHE A 331 8.15 6.45 -7.65
C PHE A 331 9.23 6.59 -8.71
N VAL A 332 10.36 7.13 -8.30
CA VAL A 332 11.54 7.17 -9.15
C VAL A 332 12.73 6.79 -8.30
N ALA A 333 13.45 5.77 -8.73
CA ALA A 333 14.57 5.25 -7.96
C ALA A 333 15.61 4.70 -8.92
N VAL A 334 16.88 4.82 -8.55
CA VAL A 334 17.96 4.32 -9.41
C VAL A 334 18.29 2.86 -9.12
N VAL A 335 18.60 2.12 -10.18
CA VAL A 335 18.94 0.71 -10.00
C VAL A 335 20.39 0.54 -9.57
N ASN A 336 20.53 -0.06 -8.40
CA ASN A 336 21.82 -0.48 -7.88
C ASN A 336 22.23 -1.75 -8.60
N LYS A 337 23.51 -1.86 -8.92
CA LYS A 337 24.03 -3.02 -9.64
C LYS A 337 24.49 -4.13 -8.70
N ALA A 338 25.46 -3.83 -7.85
CA ALA A 338 26.10 -4.83 -6.99
C ALA A 338 25.13 -5.74 -6.26
N MET A 339 24.05 -5.17 -5.71
CA MET A 339 23.08 -5.97 -4.96
C MET A 339 22.03 -6.64 -5.84
N SER A 340 21.97 -6.25 -7.10
CA SER A 340 20.99 -6.79 -8.05
C SER A 340 21.37 -8.18 -8.57
N ALA A 341 22.65 -8.37 -8.84
CA ALA A 341 23.15 -9.65 -9.34
C ALA A 341 22.75 -10.79 -8.42
N LYS A 342 22.65 -10.46 -7.13
CA LYS A 342 22.40 -11.45 -6.09
C LYS A 342 20.90 -11.75 -6.08
N PHE A 343 20.20 -11.10 -7.01
CA PHE A 343 18.79 -11.33 -7.27
C PHE A 343 18.63 -12.00 -8.64
N GLU A 344 19.17 -11.36 -9.65
CA GLU A 344 19.18 -11.91 -11.00
C GLU A 344 19.56 -13.40 -10.93
N ARG A 345 20.48 -13.74 -10.04
CA ARG A 345 20.74 -15.15 -9.74
C ARG A 345 19.43 -15.88 -9.51
N LEU A 346 18.72 -15.47 -8.48
CA LEU A 346 17.43 -16.04 -8.10
C LEU A 346 16.44 -16.10 -9.26
N VAL A 347 16.58 -15.18 -10.21
CA VAL A 347 15.73 -15.22 -11.39
C VAL A 347 16.15 -16.36 -12.34
N ALA A 348 17.46 -16.53 -12.50
CA ALA A 348 17.99 -17.54 -13.40
C ALA A 348 17.49 -18.95 -13.06
N SER A 349 17.52 -19.28 -11.77
CA SER A 349 17.10 -20.60 -11.31
C SER A 349 15.63 -20.60 -10.89
N ALA A 350 14.96 -19.48 -11.11
CA ALA A 350 13.55 -19.34 -10.73
C ALA A 350 12.66 -20.39 -11.39
N GLU A 351 12.94 -20.72 -12.65
CA GLU A 351 12.10 -21.61 -13.44
C GLU A 351 11.68 -22.88 -12.70
N GLN A 352 12.67 -23.67 -12.31
CA GLN A 352 12.46 -24.93 -11.60
C GLN A 352 11.43 -24.80 -10.48
N LEU A 353 11.73 -23.94 -9.52
CA LEU A 353 10.98 -23.87 -8.26
C LEU A 353 9.46 -23.90 -8.41
N LEU A 354 8.92 -23.20 -9.40
CA LEU A 354 7.48 -23.13 -9.58
C LEU A 354 6.85 -24.52 -9.57
N LYS A 355 7.61 -25.51 -10.02
CA LYS A 355 7.12 -26.88 -10.15
C LYS A 355 7.23 -27.62 -8.83
N GLU A 356 7.83 -26.97 -7.83
CA GLU A 356 7.93 -27.52 -6.50
C GLU A 356 6.69 -27.14 -5.69
N LEU A 357 5.87 -26.29 -6.27
CA LEU A 357 4.64 -25.85 -5.61
C LEU A 357 3.62 -26.98 -5.56
N PRO A 358 2.80 -26.99 -4.51
CA PRO A 358 1.86 -28.08 -4.16
C PRO A 358 0.85 -28.42 -5.27
N TRP A 359 0.73 -27.58 -6.28
CA TRP A 359 -0.24 -27.84 -7.34
C TRP A 359 0.45 -28.18 -8.66
N PRO A 360 -0.21 -29.01 -9.49
CA PRO A 360 0.34 -29.49 -10.76
C PRO A 360 0.67 -28.36 -11.71
N PRO A 361 1.57 -28.63 -12.67
CA PRO A 361 2.04 -27.66 -13.67
C PRO A 361 0.92 -27.07 -14.53
N THR A 362 -0.23 -27.73 -14.57
CA THR A 362 -1.36 -27.23 -15.33
C THR A 362 -2.17 -26.23 -14.50
N PHE A 363 -1.91 -26.23 -13.20
CA PHE A 363 -2.54 -25.28 -12.29
C PHE A 363 -1.68 -24.03 -12.12
N GLU A 364 -0.59 -23.97 -12.88
CA GLU A 364 0.35 -22.86 -12.83
C GLU A 364 0.43 -22.16 -14.19
N LYS A 365 0.95 -20.94 -14.19
CA LYS A 365 1.00 -20.14 -15.41
C LYS A 365 1.67 -20.89 -16.53
N ASP A 366 1.25 -20.61 -17.76
CA ASP A 366 1.62 -21.43 -18.92
C ASP A 366 3.11 -21.47 -19.28
N LYS A 367 3.84 -20.35 -19.25
CA LYS A 367 5.23 -20.46 -19.66
C LYS A 367 6.28 -20.24 -18.57
N PHE A 368 6.73 -19.00 -18.43
CA PHE A 368 7.68 -18.57 -17.41
C PHE A 368 8.25 -17.23 -17.86
N LEU A 369 9.08 -16.60 -17.04
CA LEU A 369 9.86 -15.46 -17.56
C LEU A 369 11.05 -15.07 -16.68
N THR A 370 11.77 -14.06 -17.14
CA THR A 370 12.77 -13.36 -16.35
C THR A 370 12.29 -11.93 -16.32
N PRO A 371 11.13 -11.73 -15.67
CA PRO A 371 10.38 -10.48 -15.85
C PRO A 371 11.23 -9.26 -15.44
N ASP A 372 11.75 -9.34 -14.20
CA ASP A 372 12.95 -8.65 -13.72
C ASP A 372 12.99 -8.84 -12.20
N PHE A 373 14.18 -8.75 -11.60
CA PHE A 373 14.32 -8.49 -10.16
C PHE A 373 15.49 -7.51 -9.94
N THR A 374 15.19 -6.40 -9.31
CA THR A 374 16.19 -5.38 -9.07
C THR A 374 16.32 -4.98 -7.61
N SER A 375 17.29 -4.13 -7.36
CA SER A 375 17.50 -3.50 -6.06
C SER A 375 17.57 -2.00 -6.31
N LEU A 376 16.59 -1.27 -5.81
CA LEU A 376 16.50 0.15 -6.15
C LEU A 376 16.75 1.07 -4.97
N ASP A 377 17.66 2.03 -5.15
CA ASP A 377 17.80 3.10 -4.19
C ASP A 377 16.76 4.16 -4.55
N VAL A 378 15.83 4.38 -3.63
CA VAL A 378 14.67 5.24 -3.88
C VAL A 378 15.03 6.72 -3.87
N LEU A 379 14.48 7.47 -4.81
CA LEU A 379 14.67 8.91 -4.85
C LEU A 379 13.41 9.57 -4.35
N THR A 380 12.33 9.36 -5.10
CA THR A 380 11.02 9.88 -4.74
C THR A 380 9.98 8.76 -4.73
N PHE A 381 9.37 8.52 -3.58
CA PHE A 381 8.17 7.69 -3.55
C PHE A 381 7.02 8.52 -2.98
N ALA A 382 6.10 8.89 -3.86
CA ALA A 382 4.91 9.66 -3.49
C ALA A 382 3.81 8.77 -2.93
N GLY A 383 2.92 9.36 -2.13
CA GLY A 383 1.80 8.63 -1.59
C GLY A 383 1.94 8.27 -0.12
N SER A 384 1.04 7.40 0.34
CA SER A 384 0.93 7.10 1.76
C SER A 384 2.11 6.32 2.35
N GLY A 385 2.74 5.46 1.55
CA GLY A 385 3.78 4.60 2.10
C GLY A 385 4.91 4.19 1.16
N ILE A 386 5.92 3.57 1.75
CA ILE A 386 7.11 3.14 1.01
C ILE A 386 7.38 1.66 1.27
N PRO A 387 6.85 0.78 0.40
CA PRO A 387 7.00 -0.67 0.52
C PRO A 387 8.46 -1.12 0.44
N ALA A 388 8.75 -2.29 0.98
CA ALA A 388 10.09 -2.85 0.91
C ALA A 388 10.36 -3.46 -0.47
N GLY A 389 9.33 -4.13 -1.02
CA GLY A 389 9.41 -4.72 -2.34
C GLY A 389 8.04 -4.83 -2.96
N ILE A 390 7.98 -4.89 -4.29
CA ILE A 390 6.69 -4.90 -4.98
C ILE A 390 6.73 -5.72 -6.27
N ASN A 391 5.58 -6.29 -6.63
CA ASN A 391 5.46 -7.05 -7.88
C ASN A 391 4.34 -6.48 -8.72
N ILE A 392 4.70 -5.86 -9.84
CA ILE A 392 3.71 -5.18 -10.68
C ILE A 392 4.06 -5.29 -12.16
N PRO A 393 3.18 -4.80 -13.05
CA PRO A 393 1.90 -4.10 -12.84
C PRO A 393 0.86 -5.00 -12.18
N ASN A 394 -0.22 -4.40 -11.67
CA ASN A 394 -1.21 -5.12 -10.89
C ASN A 394 -2.27 -5.86 -11.71
N TYR A 395 -2.08 -5.85 -13.03
CA TYR A 395 -2.98 -6.58 -13.91
C TYR A 395 -2.50 -8.01 -14.08
N ASP A 396 -3.29 -8.96 -13.56
CA ASP A 396 -2.90 -10.38 -13.55
C ASP A 396 -2.69 -10.91 -14.96
N ASP A 397 -3.64 -10.57 -15.83
CA ASP A 397 -3.62 -11.04 -17.21
C ASP A 397 -2.24 -10.89 -17.80
N LEU A 398 -1.65 -9.72 -17.59
CA LEU A 398 -0.29 -9.43 -18.04
C LEU A 398 0.73 -10.30 -17.30
N ARG A 399 0.51 -10.49 -16.01
CA ARG A 399 1.39 -11.36 -15.22
C ARG A 399 1.56 -12.71 -15.89
N GLN A 400 0.48 -13.30 -16.38
CA GLN A 400 0.61 -14.58 -17.09
C GLN A 400 1.04 -14.48 -18.57
N THR A 401 0.42 -13.57 -19.33
CA THR A 401 0.72 -13.47 -20.76
C THR A 401 2.19 -13.19 -21.07
N GLU A 402 2.65 -11.96 -20.79
CA GLU A 402 4.04 -11.61 -21.05
C GLU A 402 4.89 -11.66 -19.79
N GLY A 403 4.57 -10.81 -18.81
CA GLY A 403 5.31 -10.83 -17.57
C GLY A 403 4.93 -9.78 -16.54
N PHE A 404 5.84 -9.57 -15.60
CA PHE A 404 5.65 -8.66 -14.49
C PHE A 404 7.02 -8.16 -14.11
N LYS A 405 7.12 -7.50 -12.96
CA LYS A 405 8.43 -7.14 -12.46
C LYS A 405 8.51 -7.29 -10.96
N ASN A 406 9.72 -7.56 -10.48
CA ASN A 406 9.99 -7.69 -9.05
C ASN A 406 10.94 -6.57 -8.63
N VAL A 407 10.59 -5.88 -7.55
CA VAL A 407 11.33 -4.71 -7.10
C VAL A 407 11.69 -4.81 -5.62
N SER A 408 12.98 -4.87 -5.33
CA SER A 408 13.47 -4.81 -3.97
C SER A 408 14.18 -3.50 -3.76
N LEU A 409 13.57 -2.60 -2.98
CA LEU A 409 14.17 -1.31 -2.73
C LEU A 409 15.30 -1.46 -1.72
N GLY A 410 16.51 -1.07 -2.14
CA GLY A 410 17.70 -1.28 -1.33
C GLY A 410 17.90 -0.32 -0.17
N ASN A 411 17.63 0.96 -0.40
CA ASN A 411 17.93 2.00 0.58
C ASN A 411 16.84 2.26 1.62
N VAL A 412 15.67 1.66 1.42
CA VAL A 412 14.63 1.71 2.42
C VAL A 412 15.03 0.79 3.56
N LEU A 413 15.53 -0.38 3.18
CA LEU A 413 16.06 -1.30 4.15
C LEU A 413 16.99 -0.51 5.07
N ALA A 414 18.05 0.04 4.50
CA ALA A 414 19.20 0.56 5.27
C ALA A 414 18.70 1.44 6.41
N VAL A 415 17.49 1.94 6.21
CA VAL A 415 16.75 2.64 7.23
C VAL A 415 16.22 1.69 8.31
N ALA A 416 15.37 0.71 7.98
CA ALA A 416 14.72 -0.02 9.06
C ALA A 416 15.48 -1.25 9.52
N TYR A 417 16.08 -1.09 10.68
CA TYR A 417 16.86 -2.13 11.33
C TYR A 417 17.06 -1.84 12.81
N ARG A 421 17.14 -3.88 22.06
CA ARG A 421 16.70 -5.26 22.00
C ARG A 421 15.51 -5.49 22.93
N GLU A 422 15.08 -4.42 23.59
CA GLU A 422 13.96 -4.49 24.54
C GLU A 422 12.62 -4.33 23.82
N LYS A 423 12.69 -3.87 22.57
CA LYS A 423 11.51 -3.67 21.73
C LYS A 423 11.20 -4.93 20.92
N LEU A 424 11.90 -5.99 21.26
CA LEU A 424 11.81 -7.30 20.60
C LEU A 424 10.66 -8.15 21.14
N THR A 425 9.70 -7.48 21.77
CA THR A 425 8.69 -8.08 22.63
C THR A 425 8.03 -9.35 22.08
N PHE A 426 7.58 -10.20 23.00
CA PHE A 426 6.97 -11.49 22.70
C PHE A 426 7.98 -12.49 22.14
N LEU A 427 9.24 -12.27 22.47
CA LEU A 427 10.30 -13.23 22.18
C LEU A 427 10.95 -13.62 23.49
N GLU A 428 12.02 -14.41 23.41
CA GLU A 428 12.74 -14.87 24.59
C GLU A 428 14.16 -14.33 24.51
N GLU A 429 14.89 -14.34 25.61
CA GLU A 429 16.26 -13.79 25.62
C GLU A 429 17.19 -14.44 24.60
N ASP A 430 16.98 -15.73 24.34
CA ASP A 430 17.52 -16.40 23.16
C ASP A 430 16.58 -15.92 22.09
N ASP A 431 16.49 -16.55 20.92
CA ASP A 431 15.61 -15.91 19.95
C ASP A 431 16.21 -14.56 19.63
N LYS A 432 15.71 -13.50 20.26
CA LYS A 432 16.08 -12.13 19.91
C LYS A 432 17.54 -12.01 19.50
N ASP A 433 18.44 -12.77 20.12
CA ASP A 433 19.81 -12.86 19.61
C ASP A 433 19.81 -13.23 18.13
N LEU A 434 19.37 -14.45 17.84
CA LEU A 434 19.21 -14.94 16.48
C LEU A 434 18.42 -13.96 15.62
N TYR A 435 17.48 -13.26 16.24
CA TYR A 435 16.64 -12.29 15.54
C TYR A 435 17.48 -11.12 15.03
N ILE A 436 18.25 -10.53 15.94
CA ILE A 436 19.15 -9.42 15.62
C ILE A 436 20.16 -9.84 14.56
N LEU A 437 20.64 -11.07 14.68
CA LEU A 437 21.64 -11.55 13.73
C LEU A 437 21.08 -11.78 12.33
N TRP A 438 20.01 -12.56 12.24
CA TRP A 438 19.50 -13.04 10.95
C TRP A 438 18.31 -12.31 10.33
N LYS A 439 17.75 -11.33 11.05
CA LYS A 439 16.54 -10.65 10.58
C LYS A 439 16.80 -9.90 9.28
N GLY A 440 17.86 -9.09 9.28
CA GLY A 440 18.25 -8.32 8.11
C GLY A 440 18.54 -9.18 6.89
N PRO A 441 19.44 -10.16 7.02
CA PRO A 441 19.75 -11.04 5.89
C PRO A 441 18.55 -11.84 5.40
N SER A 442 17.79 -12.42 6.32
CA SER A 442 16.61 -13.21 5.95
C SER A 442 15.56 -12.36 5.25
N PHE A 443 15.50 -11.09 5.63
CA PHE A 443 14.55 -10.16 5.04
C PHE A 443 14.60 -10.23 3.52
N ASP A 444 15.82 -10.17 2.98
CA ASP A 444 16.02 -10.23 1.54
C ASP A 444 15.44 -11.51 0.95
N VAL A 445 15.66 -12.64 1.63
CA VAL A 445 15.08 -13.91 1.20
C VAL A 445 13.57 -13.80 1.11
N GLN A 446 12.93 -13.58 2.25
CA GLN A 446 11.47 -13.52 2.34
C GLN A 446 10.88 -12.56 1.30
N VAL A 447 11.57 -11.45 1.03
CA VAL A 447 11.10 -10.48 0.05
C VAL A 447 11.24 -11.01 -1.37
N GLY A 448 12.39 -11.60 -1.66
CA GLY A 448 12.66 -12.15 -2.98
C GLY A 448 11.64 -13.21 -3.34
N LEU A 449 11.36 -14.11 -2.40
CA LEU A 449 10.39 -15.16 -2.61
C LEU A 449 8.97 -14.59 -2.69
N HIS A 450 8.63 -13.73 -1.74
CA HIS A 450 7.31 -13.11 -1.70
C HIS A 450 6.98 -12.52 -3.06
N ALA A 451 7.89 -11.69 -3.56
CA ALA A 451 7.69 -11.01 -4.85
C ALA A 451 7.75 -11.95 -6.04
N LEU A 452 8.79 -12.77 -6.10
CA LEU A 452 9.02 -13.59 -7.27
C LEU A 452 8.02 -14.75 -7.33
N LEU A 453 8.13 -15.67 -6.38
CA LEU A 453 7.24 -16.83 -6.39
C LEU A 453 5.98 -16.63 -5.55
N GLY A 454 5.86 -15.49 -4.89
CA GLY A 454 4.64 -15.20 -4.16
C GLY A 454 3.49 -14.95 -5.11
N HIS A 455 3.61 -13.93 -5.94
CA HIS A 455 2.63 -13.64 -6.98
C HIS A 455 3.07 -14.12 -8.36
N GLY A 456 4.30 -14.59 -8.46
CA GLY A 456 4.85 -15.00 -9.73
C GLY A 456 4.22 -16.30 -10.17
N SER A 457 3.87 -17.12 -9.19
CA SER A 457 3.23 -18.40 -9.44
C SER A 457 1.73 -18.22 -9.65
N GLY A 458 1.03 -19.34 -9.77
CA GLY A 458 -0.41 -19.32 -9.90
C GLY A 458 -0.87 -19.06 -11.32
N LYS A 459 -2.08 -19.51 -11.63
CA LYS A 459 -2.69 -19.28 -12.93
C LYS A 459 -4.18 -19.05 -12.79
N LEU A 460 -4.70 -18.11 -13.57
CA LEU A 460 -6.13 -17.84 -13.58
C LEU A 460 -6.83 -18.64 -14.67
N PHE A 461 -8.01 -19.15 -14.36
CA PHE A 461 -8.84 -19.80 -15.37
C PHE A 461 -9.95 -18.86 -15.79
N VAL A 462 -9.85 -18.34 -17.01
CA VAL A 462 -10.79 -17.34 -17.48
C VAL A 462 -11.63 -17.87 -18.62
N GLN A 463 -12.89 -17.48 -18.66
CA GLN A 463 -13.73 -17.77 -19.80
C GLN A 463 -13.67 -16.59 -20.76
N ASP A 464 -13.02 -16.81 -21.89
CA ASP A 464 -12.94 -15.81 -22.96
C ASP A 464 -14.33 -15.63 -23.54
N GLU A 465 -14.51 -14.55 -24.30
CA GLU A 465 -15.83 -14.17 -24.78
C GLU A 465 -16.62 -15.39 -25.22
N LYS A 466 -16.13 -16.07 -26.25
CA LYS A 466 -16.77 -17.30 -26.72
C LYS A 466 -16.67 -18.41 -25.69
N GLY A 467 -17.50 -19.44 -25.84
CA GLY A 467 -17.58 -20.51 -24.87
C GLY A 467 -16.30 -21.29 -24.69
N ALA A 468 -15.28 -20.94 -25.48
CA ALA A 468 -13.96 -21.55 -25.36
C ALA A 468 -13.30 -21.09 -24.06
N PHE A 469 -12.04 -21.48 -23.86
CA PHE A 469 -11.32 -21.15 -22.64
C PHE A 469 -9.92 -20.61 -22.91
N ASN A 470 -9.20 -20.34 -21.82
CA ASN A 470 -7.77 -20.03 -21.92
C ASN A 470 -6.92 -21.28 -21.67
N PHE A 471 -7.59 -22.41 -21.49
CA PHE A 471 -6.91 -23.68 -21.23
C PHE A 471 -7.69 -24.87 -21.77
N ASP A 472 -7.19 -26.07 -21.47
CA ASP A 472 -7.86 -27.31 -21.89
C ASP A 472 -8.60 -27.93 -20.73
N GLN A 473 -9.94 -27.91 -20.81
CA GLN A 473 -10.80 -28.33 -19.72
C GLN A 473 -10.70 -29.80 -19.33
N GLU A 474 -10.92 -30.68 -20.30
CA GLU A 474 -11.04 -32.11 -20.04
C GLU A 474 -9.81 -32.72 -19.36
N THR A 475 -8.68 -32.04 -19.46
CA THR A 475 -7.43 -32.54 -18.88
C THR A 475 -7.07 -31.93 -17.52
N VAL A 476 -7.90 -31.01 -17.02
CA VAL A 476 -7.61 -30.36 -15.74
C VAL A 476 -8.50 -30.90 -14.60
N ILE A 477 -7.88 -31.17 -13.46
CA ILE A 477 -8.60 -31.76 -12.33
C ILE A 477 -8.22 -31.13 -10.98
N ASN A 478 -9.21 -30.96 -10.12
CA ASN A 478 -8.99 -30.44 -8.77
C ASN A 478 -8.57 -31.57 -7.83
N PRO A 479 -7.36 -31.45 -7.25
CA PRO A 479 -6.81 -32.50 -6.37
C PRO A 479 -7.61 -32.66 -5.08
N GLU A 480 -8.20 -31.57 -4.60
CA GLU A 480 -9.00 -31.59 -3.39
C GLU A 480 -10.28 -32.41 -3.62
N THR A 481 -10.95 -32.12 -4.73
CA THR A 481 -12.23 -32.73 -5.06
C THR A 481 -12.03 -34.02 -5.86
N GLY A 482 -11.43 -33.88 -7.03
CA GLY A 482 -11.25 -34.99 -7.95
C GLY A 482 -12.11 -34.85 -9.19
N GLU A 483 -13.04 -33.92 -9.17
CA GLU A 483 -13.87 -33.64 -10.34
C GLU A 483 -13.13 -32.79 -11.36
N GLN A 484 -13.83 -32.39 -12.41
CA GLN A 484 -13.29 -31.49 -13.43
C GLN A 484 -13.81 -30.09 -13.13
N ILE A 485 -13.01 -29.08 -13.44
CA ILE A 485 -13.28 -27.73 -12.97
C ILE A 485 -14.68 -27.25 -13.34
N GLN A 486 -15.46 -26.90 -12.32
CA GLN A 486 -16.79 -26.32 -12.51
C GLN A 486 -16.88 -24.80 -12.33
N SER A 487 -15.76 -24.14 -12.05
CA SER A 487 -15.77 -22.71 -11.78
C SER A 487 -14.55 -21.99 -12.39
N TRP A 488 -14.72 -20.70 -12.67
CA TRP A 488 -13.65 -19.90 -13.26
C TRP A 488 -13.93 -18.39 -13.27
N TYR A 489 -12.97 -17.64 -13.81
CA TYR A 489 -13.12 -16.20 -14.00
C TYR A 489 -13.73 -15.95 -15.37
N ARG A 490 -14.92 -15.37 -15.42
CA ARG A 490 -15.53 -15.09 -16.72
C ARG A 490 -15.13 -13.71 -17.21
N SER A 491 -15.60 -13.34 -18.40
CA SER A 491 -15.17 -12.11 -19.05
C SER A 491 -15.39 -10.89 -18.15
N GLY A 492 -14.37 -10.03 -18.08
CA GLY A 492 -14.46 -8.81 -17.31
C GLY A 492 -14.18 -9.00 -15.83
N GLU A 493 -14.21 -10.25 -15.37
CA GLU A 493 -13.97 -10.55 -13.97
C GLU A 493 -12.49 -10.60 -13.62
N THR A 494 -12.17 -10.21 -12.40
CA THR A 494 -10.80 -10.07 -11.92
C THR A 494 -10.70 -10.38 -10.42
N TRP A 495 -9.48 -10.64 -9.96
CA TRP A 495 -9.21 -10.97 -8.57
C TRP A 495 -10.01 -10.08 -7.60
N ASP A 496 -9.71 -8.78 -7.62
CA ASP A 496 -10.40 -7.82 -6.76
C ASP A 496 -11.91 -7.80 -6.97
N SER A 497 -12.33 -7.88 -8.23
CA SER A 497 -13.74 -7.77 -8.57
C SER A 497 -14.57 -8.90 -8.00
N LYS A 498 -13.89 -9.99 -7.63
CA LYS A 498 -14.58 -11.15 -7.07
C LYS A 498 -14.36 -11.28 -5.57
N PHE A 499 -13.10 -11.50 -5.18
CA PHE A 499 -12.80 -11.70 -3.77
C PHE A 499 -12.97 -10.42 -2.95
N SER A 500 -12.77 -9.27 -3.60
CA SER A 500 -13.03 -7.99 -2.97
C SER A 500 -12.34 -7.87 -1.61
N THR A 501 -13.14 -7.77 -0.55
CA THR A 501 -12.64 -7.54 0.80
C THR A 501 -11.43 -8.41 1.10
N ILE A 502 -11.54 -9.70 0.77
CA ILE A 502 -10.46 -10.64 1.05
C ILE A 502 -9.31 -10.65 0.02
N ALA A 503 -9.58 -10.29 -1.23
CA ALA A 503 -8.61 -10.53 -2.31
C ALA A 503 -7.18 -10.15 -1.92
N SER A 504 -7.02 -8.94 -1.39
CA SER A 504 -5.70 -8.43 -1.01
C SER A 504 -5.05 -9.33 0.03
N SER A 505 -5.74 -9.49 1.16
CA SER A 505 -5.21 -10.25 2.30
C SER A 505 -4.90 -11.69 1.90
N TYR A 506 -5.86 -12.32 1.24
CA TYR A 506 -5.73 -13.67 0.70
C TYR A 506 -4.45 -13.80 -0.10
N GLU A 507 -4.39 -13.07 -1.21
CA GLU A 507 -3.23 -13.14 -2.09
C GLU A 507 -1.93 -12.97 -1.33
N GLU A 508 -1.87 -11.94 -0.49
CA GLU A 508 -0.68 -11.68 0.30
C GLU A 508 -0.30 -12.91 1.15
N CYS A 509 -1.32 -13.51 1.78
CA CYS A 509 -1.12 -14.69 2.60
C CYS A 509 -0.46 -15.79 1.79
N ARG A 510 -1.03 -16.08 0.63
CA ARG A 510 -0.41 -17.04 -0.29
C ARG A 510 1.07 -16.71 -0.48
N ALA A 511 1.34 -15.51 -0.98
CA ALA A 511 2.73 -15.10 -1.25
C ALA A 511 3.67 -15.36 -0.07
N GLU A 512 3.29 -14.92 1.13
CA GLU A 512 4.16 -15.11 2.30
C GLU A 512 4.38 -16.58 2.59
N SER A 513 3.30 -17.36 2.53
CA SER A 513 3.40 -18.79 2.75
C SER A 513 4.39 -19.46 1.79
N VAL A 514 4.28 -19.15 0.49
CA VAL A 514 5.27 -19.68 -0.45
C VAL A 514 6.64 -19.19 -0.04
N GLY A 515 6.68 -18.02 0.58
CA GLY A 515 7.91 -17.47 1.11
C GLY A 515 8.58 -18.41 2.07
N LEU A 516 7.86 -18.85 3.11
CA LEU A 516 8.41 -19.81 4.07
C LEU A 516 8.75 -21.13 3.38
N TYR A 517 7.75 -21.63 2.65
CA TYR A 517 7.83 -22.91 1.95
C TYR A 517 9.16 -23.03 1.22
N LEU A 518 9.40 -22.15 0.24
CA LEU A 518 10.65 -22.19 -0.50
C LEU A 518 11.85 -21.68 0.31
N CYS A 519 11.58 -20.92 1.37
CA CYS A 519 12.65 -20.48 2.26
C CYS A 519 13.28 -21.71 2.91
N LEU A 520 12.56 -22.83 2.86
CA LEU A 520 13.08 -24.08 3.40
C LEU A 520 14.04 -24.79 2.44
N HIS A 521 14.24 -24.23 1.25
CA HIS A 521 15.06 -24.87 0.22
C HIS A 521 16.54 -24.49 0.31
N PRO A 522 17.43 -25.49 0.30
CA PRO A 522 18.89 -25.30 0.34
C PRO A 522 19.41 -24.37 -0.76
N GLN A 523 18.92 -24.55 -1.98
CA GLN A 523 19.34 -23.74 -3.12
C GLN A 523 19.23 -22.25 -2.80
N VAL A 524 18.02 -21.79 -2.53
CA VAL A 524 17.77 -20.36 -2.28
C VAL A 524 18.79 -19.80 -1.30
N LEU A 525 19.04 -20.53 -0.22
CA LEU A 525 20.01 -20.11 0.77
C LEU A 525 21.41 -20.06 0.16
N GLU A 526 21.72 -20.99 -0.73
CA GLU A 526 22.99 -20.95 -1.45
C GLU A 526 23.09 -19.70 -2.32
N ILE A 527 21.94 -19.22 -2.80
CA ILE A 527 21.89 -18.00 -3.58
C ILE A 527 22.17 -16.80 -2.68
N PHE A 528 21.63 -16.83 -1.46
CA PHE A 528 21.86 -15.74 -0.51
C PHE A 528 23.09 -15.97 0.35
N GLY A 529 23.81 -17.06 0.08
CA GLY A 529 25.05 -17.35 0.78
C GLY A 529 24.85 -17.90 2.18
N PHE A 530 23.82 -18.74 2.32
CA PHE A 530 23.49 -19.33 3.62
C PHE A 530 23.52 -20.86 3.55
N GLU A 531 24.32 -21.46 4.42
CA GLU A 531 24.39 -22.92 4.52
C GLU A 531 25.11 -23.31 5.80
N GLY A 532 25.16 -24.61 6.08
CA GLY A 532 25.90 -25.11 7.23
C GLY A 532 25.51 -24.42 8.53
N ALA A 533 26.51 -23.84 9.20
CA ALA A 533 26.28 -23.13 10.45
C ALA A 533 25.38 -21.92 10.21
N ASP A 534 25.11 -21.66 8.94
CA ASP A 534 24.27 -20.56 8.49
C ASP A 534 22.85 -20.98 8.18
N ALA A 535 22.69 -21.95 7.28
CA ALA A 535 21.37 -22.33 6.74
C ALA A 535 20.28 -22.55 7.80
N GLU A 536 20.70 -22.92 9.01
CA GLU A 536 19.80 -22.90 10.17
C GLU A 536 19.76 -21.42 10.54
N ASP A 537 19.31 -21.05 11.73
CA ASP A 537 19.30 -19.60 11.96
C ASP A 537 18.33 -19.01 10.95
N VAL A 538 18.85 -18.40 9.89
CA VAL A 538 18.04 -17.62 8.95
C VAL A 538 16.64 -18.19 8.76
N ILE A 539 16.54 -19.43 8.29
CA ILE A 539 15.24 -20.10 8.23
C ILE A 539 14.45 -19.90 9.52
N TYR A 540 14.99 -20.38 10.64
CA TYR A 540 14.34 -20.22 11.94
C TYR A 540 13.85 -18.79 12.15
N VAL A 541 14.76 -17.83 12.21
CA VAL A 541 14.39 -16.43 12.45
C VAL A 541 13.26 -16.00 11.51
N ASN A 542 13.26 -16.52 10.30
CA ASN A 542 12.22 -16.24 9.32
C ASN A 542 10.85 -16.74 9.79
N TRP A 543 10.74 -18.04 10.05
CA TRP A 543 9.49 -18.63 10.51
C TRP A 543 9.03 -17.98 11.83
N LEU A 544 9.94 -17.93 12.78
CA LEU A 544 9.73 -17.28 14.06
C LEU A 544 9.15 -15.89 13.88
N ASN A 545 9.76 -15.11 13.00
CA ASN A 545 9.26 -13.77 12.71
C ASN A 545 7.85 -13.83 12.16
N MET A 546 7.57 -14.83 11.34
CA MET A 546 6.23 -14.99 10.77
C MET A 546 5.18 -15.23 11.86
N VAL A 547 5.45 -16.16 12.77
CA VAL A 547 4.52 -16.45 13.86
C VAL A 547 4.35 -15.23 14.77
N ARG A 548 5.45 -14.56 15.07
CA ARG A 548 5.42 -13.37 15.92
C ARG A 548 4.54 -12.31 15.29
N ALA A 549 4.76 -12.06 14.01
CA ALA A 549 3.94 -11.11 13.25
C ALA A 549 2.48 -11.54 13.35
N GLY A 550 2.24 -12.83 13.24
CA GLY A 550 0.89 -13.36 13.39
C GLY A 550 0.29 -12.92 14.71
N LEU A 551 1.15 -12.80 15.73
CA LEU A 551 0.69 -12.32 17.03
C LEU A 551 0.43 -10.82 17.05
N LEU A 552 1.37 -10.04 16.53
CA LEU A 552 1.27 -8.59 16.53
C LEU A 552 0.08 -8.11 15.71
N ALA A 553 -0.34 -8.92 14.75
CA ALA A 553 -1.42 -8.54 13.84
C ALA A 553 -2.71 -8.17 14.57
N LEU A 554 -2.91 -8.73 15.76
CA LEU A 554 -4.11 -8.47 16.53
C LEU A 554 -4.41 -6.97 16.63
N GLU A 555 -3.37 -6.18 16.79
CA GLU A 555 -3.50 -4.72 16.89
C GLU A 555 -4.31 -4.14 15.75
N PHE A 556 -4.12 -4.70 14.55
CA PHE A 556 -4.76 -4.16 13.35
C PHE A 556 -6.12 -4.80 13.07
N TYR A 557 -6.58 -5.64 14.00
CA TYR A 557 -7.91 -6.23 13.89
C TYR A 557 -8.92 -5.51 14.78
N THR A 558 -10.03 -5.08 14.19
CA THR A 558 -11.10 -4.44 14.95
C THR A 558 -12.18 -5.46 15.28
N PRO A 559 -12.26 -5.85 16.56
CA PRO A 559 -13.24 -6.85 17.02
C PRO A 559 -14.69 -6.37 16.95
N GLU A 560 -14.92 -5.10 17.29
CA GLU A 560 -16.28 -4.58 17.35
C GLU A 560 -16.96 -4.60 15.99
N ALA A 561 -16.19 -4.36 14.94
CA ALA A 561 -16.72 -4.43 13.58
C ALA A 561 -16.45 -5.81 12.98
N PHE A 562 -15.78 -6.67 13.75
CA PHE A 562 -15.36 -7.97 13.25
C PHE A 562 -14.65 -7.78 11.92
N ASN A 563 -13.76 -6.79 11.88
CA ASN A 563 -13.11 -6.39 10.63
C ASN A 563 -11.60 -6.26 10.79
N TRP A 564 -10.88 -6.68 9.75
CA TRP A 564 -9.42 -6.53 9.72
C TRP A 564 -9.05 -5.26 9.00
N ARG A 565 -8.09 -4.53 9.56
CA ARG A 565 -7.69 -3.24 9.00
C ARG A 565 -6.49 -3.33 8.06
N GLN A 566 -5.98 -4.53 7.83
CA GLN A 566 -4.88 -4.70 6.90
C GLN A 566 -4.82 -6.10 6.25
N ALA A 567 -4.25 -6.15 5.05
CA ALA A 567 -4.10 -7.40 4.32
C ALA A 567 -2.91 -8.22 4.82
N HIS A 568 -1.77 -7.56 4.98
CA HIS A 568 -0.54 -8.24 5.38
C HIS A 568 -0.63 -8.78 6.80
N MET A 569 -1.03 -7.93 7.74
CA MET A 569 -1.15 -8.34 9.13
C MET A 569 -2.15 -9.47 9.30
N GLN A 570 -3.33 -9.30 8.70
CA GLN A 570 -4.36 -10.33 8.73
C GLN A 570 -3.82 -11.65 8.18
N ALA A 571 -3.22 -11.59 7.00
CA ALA A 571 -2.63 -12.77 6.39
C ALA A 571 -1.66 -13.46 7.35
N ARG A 572 -0.78 -12.66 7.95
CA ARG A 572 0.18 -13.17 8.91
C ARG A 572 -0.51 -13.91 10.06
N PHE A 573 -1.56 -13.31 10.60
CA PHE A 573 -2.35 -13.95 11.65
C PHE A 573 -2.89 -15.29 11.18
N VAL A 574 -3.42 -15.32 9.96
CA VAL A 574 -3.95 -16.55 9.38
C VAL A 574 -2.89 -17.64 9.36
N ILE A 575 -1.72 -17.33 8.79
CA ILE A 575 -0.63 -18.28 8.75
C ILE A 575 -0.33 -18.79 10.15
N LEU A 576 -0.35 -17.87 11.11
CA LEU A 576 -0.08 -18.22 12.50
C LEU A 576 -1.08 -19.25 13.00
N ARG A 577 -2.36 -19.01 12.72
CA ARG A 577 -3.42 -19.91 13.15
C ARG A 577 -3.29 -21.29 12.51
N VAL A 578 -2.93 -21.30 11.22
CA VAL A 578 -2.71 -22.56 10.52
C VAL A 578 -1.62 -23.36 11.24
N LEU A 579 -0.50 -22.70 11.50
CA LEU A 579 0.59 -23.34 12.22
C LEU A 579 0.11 -23.89 13.57
N LEU A 580 -0.56 -23.04 14.34
CA LEU A 580 -1.14 -23.43 15.63
C LEU A 580 -1.99 -24.70 15.50
N GLU A 581 -2.77 -24.77 14.42
CA GLU A 581 -3.65 -25.90 14.16
C GLU A 581 -2.86 -27.16 13.87
N ALA A 582 -1.72 -27.00 13.18
CA ALA A 582 -0.83 -28.12 12.94
C ALA A 582 -0.49 -28.81 14.27
N GLY A 583 -0.52 -28.02 15.35
CA GLY A 583 -0.32 -28.54 16.69
C GLY A 583 1.02 -29.22 16.88
N GLU A 584 1.02 -30.27 17.70
CA GLU A 584 2.24 -31.01 18.00
C GLU A 584 3.27 -30.18 18.76
N GLY A 585 2.79 -29.20 19.53
CA GLY A 585 3.66 -28.38 20.35
C GLY A 585 4.65 -27.55 19.56
N LEU A 586 4.43 -27.47 18.25
CA LEU A 586 5.32 -26.72 17.37
C LEU A 586 5.29 -25.21 17.64
N VAL A 587 4.12 -24.72 18.07
CA VAL A 587 3.94 -23.30 18.34
C VAL A 587 3.12 -23.09 19.60
N THR A 588 3.44 -22.04 20.36
CA THR A 588 2.76 -21.79 21.62
C THR A 588 2.67 -20.29 21.94
N ILE A 589 1.57 -19.90 22.56
CA ILE A 589 1.40 -18.53 23.05
C ILE A 589 1.17 -18.58 24.57
N THR A 590 2.08 -17.97 25.32
CA THR A 590 2.02 -18.05 26.78
C THR A 590 1.72 -16.71 27.44
N PRO A 591 0.61 -16.64 28.19
CA PRO A 591 0.23 -15.45 28.95
C PRO A 591 1.21 -15.19 30.11
N THR A 592 2.40 -14.72 29.77
CA THR A 592 3.45 -14.46 30.76
C THR A 592 3.29 -13.10 31.42
N THR A 593 4.32 -12.68 32.14
CA THR A 593 4.35 -11.36 32.75
C THR A 593 5.70 -10.68 32.46
N GLY A 594 5.65 -9.45 31.97
CA GLY A 594 6.84 -8.69 31.68
C GLY A 594 7.56 -8.28 32.95
N SER A 595 8.84 -7.94 32.83
CA SER A 595 9.62 -7.51 33.99
C SER A 595 9.02 -6.27 34.65
N ASP A 596 8.27 -5.49 33.87
CA ASP A 596 7.63 -4.29 34.38
C ASP A 596 6.43 -4.62 35.27
N GLY A 597 6.03 -5.88 35.27
CA GLY A 597 4.93 -6.34 36.10
C GLY A 597 3.60 -6.40 35.37
N ARG A 598 3.50 -5.65 34.28
CA ARG A 598 2.30 -5.64 33.47
C ARG A 598 2.13 -6.99 32.77
N PRO A 599 1.04 -7.17 32.02
CA PRO A 599 0.86 -8.43 31.28
C PRO A 599 1.96 -8.62 30.25
N ASP A 600 1.93 -9.73 29.53
CA ASP A 600 2.91 -10.01 28.50
C ASP A 600 2.69 -11.39 27.88
N ALA A 601 3.45 -11.68 26.83
CA ALA A 601 3.34 -12.96 26.16
C ALA A 601 4.69 -13.39 25.60
N ARG A 602 4.88 -14.69 25.46
CA ARG A 602 6.09 -15.24 24.84
C ARG A 602 5.70 -16.23 23.75
N VAL A 603 6.15 -15.98 22.53
CA VAL A 603 5.90 -16.89 21.42
C VAL A 603 6.95 -17.99 21.39
N ARG A 604 6.50 -19.24 21.40
CA ARG A 604 7.43 -20.36 21.44
C ARG A 604 7.31 -21.24 20.20
N LEU A 605 8.35 -21.22 19.37
CA LEU A 605 8.39 -22.02 18.16
C LEU A 605 9.47 -23.09 18.22
N ASP A 606 9.06 -24.35 18.32
CA ASP A 606 10.02 -25.44 18.31
C ASP A 606 10.59 -25.56 16.90
N ARG A 607 11.91 -25.44 16.79
CA ARG A 607 12.55 -25.42 15.48
C ARG A 607 12.75 -26.81 14.89
N SER A 608 12.89 -27.81 15.75
CA SER A 608 13.11 -29.18 15.31
C SER A 608 11.91 -29.73 14.54
N LYS A 609 10.72 -29.22 14.86
CA LYS A 609 9.48 -29.72 14.26
C LYS A 609 9.09 -28.97 12.99
N ILE A 610 9.96 -28.07 12.52
CA ILE A 610 9.66 -27.27 11.34
C ILE A 610 9.27 -28.10 10.11
N ARG A 611 10.11 -29.06 9.75
CA ARG A 611 9.90 -29.86 8.55
C ARG A 611 8.90 -31.01 8.74
N SER A 612 8.83 -31.54 9.97
CA SER A 612 8.00 -32.71 10.24
C SER A 612 6.50 -32.39 10.37
N VAL A 613 6.20 -31.15 10.78
CA VAL A 613 4.81 -30.74 10.97
C VAL A 613 4.43 -29.47 10.19
N GLY A 614 5.12 -28.37 10.46
CA GLY A 614 4.81 -27.10 9.82
C GLY A 614 4.72 -27.15 8.30
N LYS A 615 5.76 -27.68 7.65
CA LYS A 615 5.78 -27.73 6.19
C LYS A 615 4.49 -28.30 5.61
N PRO A 616 4.06 -29.49 6.08
CA PRO A 616 2.82 -30.09 5.61
C PRO A 616 1.62 -29.14 5.69
N ALA A 617 1.46 -28.50 6.85
CA ALA A 617 0.42 -27.51 7.04
C ALA A 617 0.51 -26.51 5.90
N LEU A 618 1.72 -26.03 5.66
CA LEU A 618 1.94 -25.07 4.58
C LEU A 618 1.46 -25.58 3.22
N GLU A 619 2.13 -26.58 2.65
CA GLU A 619 1.80 -27.00 1.29
C GLU A 619 0.35 -27.42 1.12
N ARG A 620 -0.26 -27.96 2.16
CA ARG A 620 -1.71 -28.20 2.12
C ARG A 620 -2.41 -26.86 1.91
N PHE A 621 -2.09 -25.92 2.80
CA PHE A 621 -2.64 -24.58 2.73
C PHE A 621 -2.52 -23.98 1.32
N LEU A 622 -1.28 -23.79 0.88
CA LEU A 622 -0.99 -23.27 -0.45
C LEU A 622 -1.79 -24.00 -1.53
N ARG A 623 -1.82 -25.33 -1.44
CA ARG A 623 -2.57 -26.13 -2.39
C ARG A 623 -4.01 -25.63 -2.46
N ARG A 624 -4.65 -25.52 -1.31
CA ARG A 624 -6.04 -25.06 -1.25
C ARG A 624 -6.22 -23.63 -1.79
N LEU A 625 -5.43 -22.71 -1.25
CA LEU A 625 -5.46 -21.32 -1.69
C LEU A 625 -5.41 -21.24 -3.21
N GLN A 626 -4.31 -21.71 -3.77
CA GLN A 626 -4.13 -21.75 -5.22
C GLN A 626 -5.36 -22.34 -5.89
N VAL A 627 -5.69 -23.58 -5.56
CA VAL A 627 -6.82 -24.27 -6.18
C VAL A 627 -8.07 -23.41 -6.26
N LEU A 628 -8.39 -22.70 -5.18
CA LEU A 628 -9.56 -21.84 -5.15
C LEU A 628 -9.35 -20.54 -5.92
N LYS A 629 -8.10 -20.14 -6.10
CA LYS A 629 -7.80 -18.93 -6.85
C LYS A 629 -7.89 -19.17 -8.36
N SER A 630 -7.47 -20.34 -8.81
CA SER A 630 -7.49 -20.70 -10.22
C SER A 630 -8.92 -20.76 -10.73
N THR A 631 -9.77 -21.48 -10.00
CA THR A 631 -11.18 -21.62 -10.38
C THR A 631 -11.98 -20.42 -9.93
N GLY A 632 -11.29 -19.48 -9.26
CA GLY A 632 -11.94 -18.29 -8.75
C GLY A 632 -13.16 -18.62 -7.92
N ASP A 633 -12.98 -19.53 -6.97
CA ASP A 633 -14.08 -19.95 -6.12
C ASP A 633 -14.09 -19.08 -4.87
N VAL A 634 -15.09 -18.21 -4.78
CA VAL A 634 -15.17 -17.27 -3.67
C VAL A 634 -15.76 -17.93 -2.43
N ALA A 635 -16.79 -18.75 -2.63
CA ALA A 635 -17.41 -19.48 -1.52
C ALA A 635 -16.34 -20.18 -0.70
N GLY A 636 -15.66 -21.14 -1.33
CA GLY A 636 -14.62 -21.91 -0.67
C GLY A 636 -13.47 -21.06 -0.17
N GLY A 637 -13.10 -20.05 -0.94
CA GLY A 637 -12.01 -19.16 -0.56
C GLY A 637 -12.27 -18.48 0.76
N ARG A 638 -13.45 -17.87 0.87
CA ARG A 638 -13.87 -17.18 2.08
C ARG A 638 -14.03 -18.17 3.23
N ALA A 639 -14.84 -19.20 3.00
CA ALA A 639 -15.12 -20.19 4.02
C ALA A 639 -13.80 -20.69 4.62
N LEU A 640 -12.81 -20.86 3.75
CA LEU A 640 -11.51 -21.37 4.13
C LEU A 640 -10.66 -20.29 4.81
N TYR A 641 -10.93 -19.04 4.47
CA TYR A 641 -10.12 -17.92 4.97
C TYR A 641 -10.74 -17.25 6.19
N GLU A 642 -11.92 -16.66 6.00
CA GLU A 642 -12.60 -15.94 7.07
C GLU A 642 -12.78 -16.82 8.30
N GLY A 643 -12.77 -18.14 8.10
CA GLY A 643 -12.74 -19.08 9.20
C GLY A 643 -11.40 -19.00 9.91
N TYR A 644 -10.33 -19.07 9.13
CA TYR A 644 -8.97 -18.94 9.66
C TYR A 644 -8.70 -17.52 10.18
N ALA A 645 -9.39 -16.54 9.62
CA ALA A 645 -9.15 -15.15 9.96
C ALA A 645 -10.00 -14.68 11.13
N THR A 646 -10.84 -15.59 11.64
CA THR A 646 -11.72 -15.27 12.76
C THR A 646 -10.92 -15.02 14.03
N VAL A 647 -11.36 -14.05 14.82
CA VAL A 647 -10.72 -13.73 16.08
C VAL A 647 -11.70 -13.93 17.24
N THR A 648 -11.34 -14.82 18.16
CA THR A 648 -12.19 -15.07 19.33
C THR A 648 -11.36 -15.26 20.59
N ASP A 649 -12.04 -15.43 21.71
CA ASP A 649 -11.38 -15.56 23.00
C ASP A 649 -11.19 -17.01 23.44
N ALA A 650 -11.58 -17.94 22.56
CA ALA A 650 -11.44 -19.35 22.84
C ALA A 650 -9.99 -19.75 23.15
N PRO A 651 -9.80 -20.60 24.17
CA PRO A 651 -8.49 -21.07 24.61
C PRO A 651 -7.96 -22.17 23.69
N PRO A 652 -6.74 -22.67 23.94
CA PRO A 652 -5.81 -22.18 24.96
C PRO A 652 -4.96 -21.02 24.44
N GLU A 653 -5.61 -20.03 23.83
CA GLU A 653 -4.96 -18.84 23.33
C GLU A 653 -5.65 -17.60 23.85
N CYS A 654 -6.94 -17.49 23.54
CA CYS A 654 -7.73 -16.32 23.90
C CYS A 654 -7.18 -15.09 23.21
N PHE A 655 -7.28 -15.06 21.89
CA PHE A 655 -6.78 -13.96 21.09
C PHE A 655 -7.44 -12.65 21.47
N LEU A 656 -8.72 -12.69 21.82
CA LEU A 656 -9.43 -11.49 22.23
C LEU A 656 -8.78 -10.88 23.47
N THR A 657 -8.32 -11.73 24.38
CA THR A 657 -7.64 -11.26 25.59
C THR A 657 -6.15 -10.97 25.35
N LEU A 658 -5.58 -11.58 24.32
CA LEU A 658 -4.17 -11.35 23.99
C LEU A 658 -4.00 -10.00 23.32
N ARG A 659 -4.97 -9.66 22.50
CA ARG A 659 -4.96 -8.44 21.70
C ARG A 659 -4.66 -7.24 22.59
N ASP A 660 -5.17 -7.25 23.81
CA ASP A 660 -4.95 -6.16 24.74
C ASP A 660 -3.46 -6.02 25.07
N THR A 661 -2.84 -7.14 25.40
CA THR A 661 -1.39 -7.17 25.63
C THR A 661 -0.64 -6.69 24.40
N VAL A 662 -1.10 -7.12 23.23
CA VAL A 662 -0.48 -6.71 21.97
C VAL A 662 -0.57 -5.20 21.79
N LEU A 663 -1.64 -4.61 22.31
CA LEU A 663 -1.85 -3.16 22.23
C LEU A 663 -1.03 -2.42 23.27
N LEU A 664 -0.75 -3.07 24.40
CA LEU A 664 0.05 -2.44 25.44
C LEU A 664 1.52 -2.39 25.03
N ARG A 665 1.98 -3.46 24.39
CA ARG A 665 3.34 -3.56 23.88
C ARG A 665 3.40 -3.03 22.45
N LYS A 666 2.29 -2.45 22.00
CA LYS A 666 2.13 -1.98 20.62
C LYS A 666 3.25 -1.03 20.22
N GLU A 667 3.57 -1.04 18.92
CA GLU A 667 4.54 -0.09 18.40
C GLU A 667 3.90 0.87 17.40
N SER A 668 4.45 2.07 17.32
CA SER A 668 4.07 3.02 16.29
C SER A 668 5.23 3.16 15.32
N ARG A 669 4.96 2.95 14.04
CA ARG A 669 5.99 2.90 13.02
C ARG A 669 6.70 4.24 12.88
N LYS A 670 7.92 4.21 12.36
CA LYS A 670 8.70 5.42 12.19
C LYS A 670 8.34 6.17 10.91
N LEU A 671 8.97 7.31 10.72
CA LEU A 671 8.74 8.15 9.55
C LEU A 671 9.98 8.21 8.67
N ILE A 672 9.79 8.12 7.36
CA ILE A 672 10.90 8.21 6.42
C ILE A 672 10.87 9.53 5.65
N VAL A 673 11.82 10.41 5.93
CA VAL A 673 11.92 11.68 5.23
C VAL A 673 12.54 11.45 3.85
N GLN A 674 12.14 12.27 2.88
CA GLN A 674 12.63 12.11 1.51
C GLN A 674 13.29 13.37 0.96
N PRO A 675 14.36 13.20 0.16
CA PRO A 675 15.11 14.28 -0.47
C PRO A 675 14.39 14.84 -1.70
N ASN A 676 14.74 16.07 -2.10
CA ASN A 676 14.16 16.67 -3.29
C ASN A 676 15.20 16.83 -4.39
N THR A 677 14.74 17.30 -5.55
CA THR A 677 15.63 17.59 -6.68
C THR A 677 15.36 19.00 -7.20
N ARG A 678 16.35 19.87 -7.04
CA ARG A 678 16.24 21.26 -7.49
C ARG A 678 16.82 21.44 -8.88
N LEU A 679 16.11 22.22 -9.69
CA LEU A 679 16.54 22.52 -11.05
C LEU A 679 17.36 23.80 -11.10
N GLU A 680 18.62 23.64 -11.48
CA GLU A 680 19.55 24.74 -11.66
C GLU A 680 19.59 25.25 -13.10
N GLY A 681 18.60 24.83 -13.89
CA GLY A 681 18.70 24.92 -15.33
C GLY A 681 19.55 23.79 -15.85
N SER A 682 20.63 24.10 -16.55
CA SER A 682 21.41 23.08 -17.24
C SER A 682 21.87 21.98 -16.28
N ASP A 683 21.73 22.22 -14.98
CA ASP A 683 22.10 21.24 -13.96
C ASP A 683 20.98 21.00 -12.93
N VAL A 684 21.10 19.90 -12.19
CA VAL A 684 20.14 19.57 -11.13
C VAL A 684 20.88 19.07 -9.89
N GLN A 685 20.36 19.40 -8.71
CA GLN A 685 21.01 18.94 -7.47
C GLN A 685 20.04 18.37 -6.43
N LEU A 686 20.58 17.70 -5.42
CA LEU A 686 19.77 16.97 -4.45
C LEU A 686 19.65 17.71 -3.12
N LEU A 687 18.45 17.69 -2.54
CA LEU A 687 18.22 18.37 -1.26
C LEU A 687 17.85 17.40 -0.15
N GLU A 688 18.70 17.34 0.88
CA GLU A 688 18.54 16.36 1.95
C GLU A 688 18.22 17.03 3.27
N TYR A 689 17.55 16.30 4.15
CA TYR A 689 17.22 16.85 5.45
C TYR A 689 17.63 15.92 6.59
N GLU A 690 17.47 16.39 7.82
CA GLU A 690 17.78 15.59 8.99
C GLU A 690 16.67 14.58 9.20
N ALA A 691 16.95 13.53 9.96
CA ALA A 691 15.93 12.55 10.26
C ALA A 691 15.24 12.99 11.53
N SER A 692 14.01 13.47 11.36
CA SER A 692 13.23 14.02 12.45
C SER A 692 11.94 14.56 11.87
N ALA A 693 10.93 14.75 12.71
CA ALA A 693 9.67 15.32 12.28
C ALA A 693 9.91 16.68 11.65
N ALA A 694 10.79 17.44 12.28
CA ALA A 694 11.14 18.77 11.79
C ALA A 694 11.69 18.70 10.38
N GLY A 695 12.69 17.85 10.19
CA GLY A 695 13.34 17.69 8.90
C GLY A 695 12.34 17.33 7.82
N LEU A 696 11.37 16.50 8.18
CA LEU A 696 10.35 16.07 7.22
C LEU A 696 9.43 17.25 6.88
N ILE A 697 9.05 18.02 7.88
CA ILE A 697 8.27 19.23 7.64
C ILE A 697 9.02 20.10 6.63
N ARG A 698 10.30 20.31 6.87
CA ARG A 698 11.15 21.08 5.98
C ARG A 698 11.18 20.48 4.58
N SER A 699 11.11 19.16 4.50
CA SER A 699 11.12 18.49 3.20
C SER A 699 9.83 18.78 2.44
N PHE A 700 8.72 18.87 3.16
CA PHE A 700 7.44 19.13 2.50
C PHE A 700 7.18 20.60 2.16
N SER A 701 7.64 21.51 3.02
CA SER A 701 7.44 22.93 2.76
C SER A 701 8.30 23.41 1.59
N GLU A 702 9.37 22.66 1.30
CA GLU A 702 10.22 22.95 0.15
C GLU A 702 9.88 22.08 -1.06
N ARG A 703 8.86 21.23 -0.93
CA ARG A 703 8.53 20.28 -1.97
C ARG A 703 7.96 20.96 -3.23
N PHE A 704 7.23 22.06 -3.03
CA PHE A 704 6.60 22.77 -4.13
C PHE A 704 6.87 24.27 -4.03
N PRO A 705 8.10 24.70 -4.32
CA PRO A 705 8.49 26.10 -4.20
C PRO A 705 7.73 27.03 -5.13
N GLU A 706 7.40 26.57 -6.33
CA GLU A 706 6.73 27.41 -7.31
C GLU A 706 5.23 27.54 -7.02
N ASP A 707 4.52 26.42 -7.16
CA ASP A 707 3.06 26.40 -7.11
C ASP A 707 2.43 26.05 -5.76
N GLY A 708 3.24 25.98 -4.70
CA GLY A 708 2.75 25.46 -3.43
C GLY A 708 1.40 26.00 -2.96
N PRO A 709 1.27 27.34 -2.88
CA PRO A 709 -0.02 27.92 -2.49
C PRO A 709 -1.08 27.66 -3.55
N GLU A 710 -0.64 27.45 -4.78
CA GLU A 710 -1.53 27.13 -5.88
C GLU A 710 -2.12 25.74 -5.68
N LEU A 711 -1.26 24.78 -5.38
CA LEU A 711 -1.69 23.41 -5.13
C LEU A 711 -2.60 23.36 -3.91
N GLU A 712 -2.19 24.06 -2.85
CA GLU A 712 -3.01 24.17 -1.65
C GLU A 712 -4.40 24.66 -2.02
N GLU A 713 -4.43 25.75 -2.80
CA GLU A 713 -5.69 26.31 -3.25
C GLU A 713 -6.52 25.26 -3.97
N ILE A 714 -5.89 24.53 -4.88
CA ILE A 714 -6.55 23.44 -5.57
C ILE A 714 -7.21 22.50 -4.56
N LEU A 715 -6.40 21.84 -3.74
CA LEU A 715 -6.93 20.86 -2.80
C LEU A 715 -8.13 21.42 -2.06
N THR A 716 -8.00 22.67 -1.61
CA THR A 716 -9.13 23.37 -0.98
C THR A 716 -10.37 23.30 -1.87
N GLN A 717 -10.22 23.70 -3.12
CA GLN A 717 -11.34 23.73 -4.06
C GLN A 717 -11.93 22.34 -4.36
N LEU A 718 -11.08 21.42 -4.83
CA LEU A 718 -11.50 20.06 -5.12
C LEU A 718 -12.25 19.46 -3.94
N ALA A 719 -11.85 19.85 -2.73
CA ALA A 719 -12.56 19.40 -1.53
C ALA A 719 -13.93 20.07 -1.41
N THR A 720 -13.95 21.40 -1.47
CA THR A 720 -15.20 22.15 -1.32
C THR A 720 -16.26 21.69 -2.30
N ALA A 721 -15.82 21.26 -3.48
CA ALA A 721 -16.74 20.76 -4.50
C ALA A 721 -17.54 19.55 -4.01
N ASP A 722 -16.83 18.59 -3.42
CA ASP A 722 -17.43 17.33 -3.00
C ASP A 722 -17.85 17.32 -1.54
N ALA A 723 -17.75 18.47 -0.89
CA ALA A 723 -18.04 18.58 0.54
C ALA A 723 -19.43 18.04 0.92
N ARG A 724 -20.32 17.90 -0.06
CA ARG A 724 -21.70 17.49 0.21
C ARG A 724 -21.87 15.98 0.39
N PHE A 725 -20.78 15.22 0.23
CA PHE A 725 -20.85 13.78 0.37
C PHE A 725 -20.57 13.31 1.80
N TRP A 726 -20.10 14.21 2.64
CA TRP A 726 -19.74 13.84 4.01
C TRP A 726 -20.13 14.94 5.01
N VAL B 1 2.67 -5.12 -6.49
CA VAL B 1 1.94 -5.32 -5.24
C VAL B 1 2.92 -5.34 -4.08
N VAL B 2 2.49 -4.76 -2.96
CA VAL B 2 3.41 -4.38 -1.88
C VAL B 2 3.75 -5.48 -0.88
N TYR B 3 5.04 -5.57 -0.54
CA TYR B 3 5.52 -6.25 0.66
C TYR B 3 6.19 -5.19 1.52
N PRO B 4 5.63 -4.93 2.72
CA PRO B 4 6.09 -3.80 3.53
C PRO B 4 7.30 -4.12 4.40
N TRP B 5 7.80 -3.12 5.12
CA TRP B 5 8.97 -3.30 5.98
C TRP B 5 8.57 -3.55 7.42
#